data_4MUP
#
_entry.id   4MUP
#
_cell.length_a   53.202
_cell.length_b   77.557
_cell.length_c   99.714
_cell.angle_alpha   90.000
_cell.angle_beta   95.490
_cell.angle_gamma   90.000
#
_symmetry.space_group_name_H-M   'P 1 21 1'
#
loop_
_entity.id
_entity.type
_entity.pdbx_description
1 polymer AMIDOHYDROLASE
2 water water
#
_entity_poly.entity_id   1
_entity_poly.type   'polypeptide(L)'
_entity_poly.pdbx_seq_one_letter_code
;MGSSHHHHHHSSGLVPRGSHMSELVRKLSGTAPNPAFPRGAVDTQMHMYLPGYPALPGGPGLPPGALPGPEDYRRLMQWL
GIDRVIITQGNAHQRDNGNTLACVAEMGEAAHAVVIIDATTTEKDMEKLTAAGTVGARIMDLPGGAVNLSELDAVDERAH
AADWMVAVQFDGNGLLDHLPRLQKIRSRWVFDHHGKFFKGIRTDGPEMAALLKLIDRGNLWFKFAGVYESSRKSWPYADV
AAFSRVIAAHAPERIVWGTNWPHNSVRETAAYPDDARLAELTLGWLPDEAARHRALVENPEALFKLSPVKAT
;
_entity_poly.pdbx_strand_id   A,B,C
#
# COMPACT_ATOMS: atom_id res chain seq x y z
N ARG A 26 15.80 21.44 8.53
CA ARG A 26 15.24 20.63 9.62
C ARG A 26 15.27 21.38 10.95
N LYS A 27 14.20 21.22 11.73
CA LYS A 27 14.14 21.75 13.09
C LYS A 27 15.00 20.93 14.08
N LEU A 28 15.95 21.58 14.73
CA LEU A 28 16.88 20.88 15.62
C LEU A 28 16.90 21.46 17.04
N SER A 29 15.99 22.39 17.33
CA SER A 29 15.81 22.91 18.69
C SER A 29 14.34 23.21 18.98
N GLY A 30 13.99 23.35 20.25
CA GLY A 30 12.63 23.63 20.67
C GLY A 30 12.44 23.50 22.18
N THR A 31 11.20 23.41 22.64
CA THR A 31 10.94 23.17 24.05
C THR A 31 11.06 21.68 24.32
N ALA A 32 11.59 21.33 25.49
CA ALA A 32 11.81 19.95 25.89
C ALA A 32 10.52 19.15 25.96
N PRO A 33 10.61 17.84 25.69
CA PRO A 33 9.45 16.99 25.99
C PRO A 33 9.01 17.17 27.45
N ASN A 34 7.71 17.10 27.70
CA ASN A 34 7.18 17.08 29.05
C ASN A 34 6.18 15.94 29.18
N PRO A 35 6.43 15.00 30.12
CA PRO A 35 7.54 15.02 31.07
C PRO A 35 8.88 14.75 30.42
N ALA A 36 9.97 15.15 31.08
CA ALA A 36 11.30 15.00 30.54
C ALA A 36 11.69 13.52 30.42
N PHE A 37 12.56 13.22 29.48
CA PHE A 37 13.09 11.87 29.32
C PHE A 37 13.94 11.52 30.54
N PRO A 38 13.87 10.26 31.01
CA PRO A 38 14.78 9.79 32.06
C PRO A 38 16.21 9.66 31.55
N ARG A 39 17.19 9.80 32.45
CA ARG A 39 18.56 9.52 32.10
C ARG A 39 18.66 8.11 31.50
N GLY A 40 19.43 7.98 30.43
CA GLY A 40 19.61 6.72 29.73
C GLY A 40 18.68 6.51 28.55
N ALA A 41 17.76 7.45 28.32
CA ALA A 41 16.77 7.30 27.24
C ALA A 41 17.42 6.95 25.90
N VAL A 42 16.83 5.99 25.18
CA VAL A 42 17.37 5.49 23.92
C VAL A 42 16.48 5.82 22.74
N ASP A 43 17.03 6.50 21.73
CA ASP A 43 16.38 6.63 20.44
C ASP A 43 16.69 5.38 19.62
N THR A 44 15.69 4.53 19.40
CA THR A 44 15.92 3.25 18.71
C THR A 44 15.73 3.36 17.20
N GLN A 45 15.37 4.53 16.69
CA GLN A 45 15.07 4.65 15.27
C GLN A 45 15.55 5.94 14.65
N MET A 46 16.72 5.87 14.02
CA MET A 46 17.25 6.99 13.26
C MET A 46 18.28 6.54 12.23
N HIS A 47 18.51 7.40 11.26
CA HIS A 47 19.61 7.27 10.31
C HIS A 47 20.53 8.46 10.41
N MET A 48 21.79 8.26 10.05
CA MET A 48 22.80 9.28 10.10
C MET A 48 23.65 9.18 8.84
N TYR A 49 24.20 10.32 8.39
CA TYR A 49 24.93 10.40 7.12
C TYR A 49 26.21 11.22 7.24
N LEU A 50 27.32 10.64 6.80
CA LEU A 50 28.60 11.33 6.75
C LEU A 50 29.00 11.56 5.30
N PRO A 51 29.81 12.60 5.07
CA PRO A 51 30.37 12.84 3.73
C PRO A 51 31.23 11.66 3.29
N GLY A 52 31.35 11.43 1.98
CA GLY A 52 32.25 10.41 1.47
C GLY A 52 31.69 9.00 1.48
N TYR A 53 30.38 8.85 1.67
CA TYR A 53 29.71 7.56 1.59
C TYR A 53 28.56 7.64 0.60
N PRO A 54 28.85 7.35 -0.68
CA PRO A 54 27.83 7.49 -1.72
C PRO A 54 26.64 6.54 -1.54
N ALA A 55 25.49 6.91 -2.07
CA ALA A 55 24.37 6.00 -2.13
C ALA A 55 24.73 4.85 -3.06
N LEU A 56 24.14 3.68 -2.84
CA LEU A 56 24.34 2.53 -3.72
C LEU A 56 23.13 2.29 -4.61
N PRO A 57 23.36 1.69 -5.79
CA PRO A 57 22.27 1.31 -6.70
C PRO A 57 21.29 0.40 -5.97
N GLY A 58 19.98 0.60 -6.16
CA GLY A 58 18.97 -0.20 -5.49
C GLY A 58 18.20 0.59 -4.45
N GLY A 59 18.78 1.69 -3.99
CA GLY A 59 18.15 2.49 -2.96
C GLY A 59 17.68 3.82 -3.50
N PRO A 60 17.19 4.67 -2.60
CA PRO A 60 16.58 5.98 -2.87
C PRO A 60 17.55 7.13 -3.07
N GLY A 61 18.83 6.94 -2.85
CA GLY A 61 19.75 8.06 -2.91
C GLY A 61 19.78 8.78 -1.57
N LEU A 62 20.78 9.64 -1.37
CA LEU A 62 20.92 10.31 -0.10
C LEU A 62 19.80 11.31 0.12
N PRO A 63 19.60 11.75 1.36
CA PRO A 63 18.70 12.87 1.69
C PRO A 63 19.25 14.16 1.05
N PRO A 64 18.49 14.78 0.10
CA PRO A 64 19.03 15.86 -0.75
C PRO A 64 19.82 17.00 -0.09
N GLY A 65 19.69 17.16 1.22
CA GLY A 65 20.50 18.15 1.90
C GLY A 65 19.69 19.07 2.80
N ALA A 66 20.34 19.62 3.82
CA ALA A 66 21.75 19.33 4.09
C ALA A 66 21.91 17.89 4.59
N LEU A 67 23.06 17.29 4.32
CA LEU A 67 23.35 15.94 4.81
C LEU A 67 23.17 15.93 6.33
N PRO A 68 22.20 15.15 6.84
CA PRO A 68 21.98 15.08 8.30
C PRO A 68 23.00 14.20 9.02
N GLY A 69 23.97 14.83 9.68
CA GLY A 69 25.07 14.11 10.30
C GLY A 69 25.13 14.25 11.81
N PRO A 70 26.27 13.84 12.40
CA PRO A 70 26.47 13.83 13.86
C PRO A 70 26.23 15.18 14.54
N GLU A 71 26.64 16.27 13.90
CA GLU A 71 26.49 17.59 14.51
C GLU A 71 25.01 17.94 14.70
N ASP A 72 24.22 17.70 13.66
CA ASP A 72 22.79 17.99 13.71
C ASP A 72 22.12 17.09 14.74
N TYR A 73 22.51 15.82 14.77
CA TYR A 73 21.82 14.87 15.65
C TYR A 73 22.17 15.13 17.11
N ARG A 74 23.40 15.54 17.37
CA ARG A 74 23.76 15.94 18.72
C ARG A 74 22.86 17.07 19.23
N ARG A 75 22.46 17.96 18.33
CA ARG A 75 21.58 19.05 18.73
C ARG A 75 20.21 18.49 19.11
N LEU A 76 19.72 17.55 18.31
CA LEU A 76 18.46 16.88 18.59
C LEU A 76 18.52 16.15 19.92
N MET A 77 19.63 15.46 20.17
CA MET A 77 19.78 14.74 21.44
C MET A 77 19.70 15.69 22.64
N GLN A 78 20.35 16.84 22.51
CA GLN A 78 20.40 17.84 23.56
C GLN A 78 19.01 18.44 23.80
N TRP A 79 18.27 18.71 22.73
CA TRP A 79 16.89 19.15 22.81
C TRP A 79 15.97 18.15 23.54
N LEU A 80 15.96 16.89 23.08
CA LEU A 80 15.00 15.91 23.57
C LEU A 80 15.37 15.22 24.89
N GLY A 81 16.65 15.28 25.24
CA GLY A 81 17.17 14.53 26.36
C GLY A 81 17.43 13.07 26.03
N ILE A 82 17.83 12.79 24.79
CA ILE A 82 18.27 11.45 24.40
C ILE A 82 19.72 11.21 24.82
N ASP A 83 19.97 10.11 25.52
CA ASP A 83 21.33 9.80 25.98
C ASP A 83 22.05 8.72 25.16
N ARG A 84 21.28 7.82 24.55
CA ARG A 84 21.83 6.72 23.77
C ARG A 84 21.06 6.61 22.47
N VAL A 85 21.76 6.21 21.42
CA VAL A 85 21.17 6.14 20.10
C VAL A 85 21.54 4.83 19.40
N ILE A 86 20.57 4.24 18.73
CA ILE A 86 20.79 3.15 17.81
C ILE A 86 20.75 3.76 16.42
N ILE A 87 21.84 3.64 15.67
CA ILE A 87 21.95 4.17 14.32
C ILE A 87 21.72 3.04 13.33
N THR A 88 20.65 3.13 12.53
CA THR A 88 20.30 2.04 11.63
C THR A 88 20.68 2.35 10.19
N GLN A 89 21.23 1.34 9.51
CA GLN A 89 21.51 1.41 8.08
C GLN A 89 20.37 2.01 7.26
N GLY A 90 20.67 3.05 6.49
CA GLY A 90 19.67 3.63 5.61
C GLY A 90 19.55 2.82 4.33
N ASN A 91 18.36 2.85 3.73
CA ASN A 91 18.19 2.24 2.42
C ASN A 91 19.17 2.79 1.39
N ALA A 92 19.56 4.06 1.53
CA ALA A 92 20.43 4.69 0.56
C ALA A 92 21.68 3.85 0.34
N HIS A 93 22.14 3.19 1.40
CA HIS A 93 23.45 2.50 1.35
C HIS A 93 23.35 0.99 1.09
N GLN A 94 22.13 0.50 0.87
CA GLN A 94 21.90 -0.90 0.50
C GLN A 94 22.68 -1.83 1.40
N ARG A 95 23.58 -2.66 0.88
CA ARG A 95 24.28 -3.64 1.75
C ARG A 95 25.67 -3.20 2.18
N ASP A 96 26.03 -1.93 1.94
CA ASP A 96 27.36 -1.40 2.31
C ASP A 96 27.23 -0.70 3.67
N ASN A 97 27.84 -1.29 4.71
CA ASN A 97 27.65 -0.80 6.08
C ASN A 97 28.59 0.35 6.49
N GLY A 98 29.41 0.82 5.56
CA GLY A 98 30.48 1.75 5.88
C GLY A 98 30.04 3.00 6.62
N ASN A 99 29.07 3.68 6.05
CA ASN A 99 28.56 4.91 6.62
C ASN A 99 28.04 4.71 8.03
N THR A 100 27.21 3.68 8.23
CA THR A 100 26.58 3.45 9.51
C THR A 100 27.65 3.19 10.59
N LEU A 101 28.61 2.34 10.28
CA LEU A 101 29.66 2.01 11.24
C LEU A 101 30.53 3.22 11.55
N ALA A 102 30.76 4.05 10.55
CA ALA A 102 31.56 5.26 10.73
C ALA A 102 30.79 6.30 11.58
N CYS A 103 29.48 6.35 11.40
CA CYS A 103 28.64 7.22 12.22
C CYS A 103 28.68 6.81 13.68
N VAL A 104 28.58 5.51 13.94
CA VAL A 104 28.60 4.99 15.30
C VAL A 104 29.94 5.35 15.94
N ALA A 105 31.03 5.17 15.21
CA ALA A 105 32.36 5.46 15.76
C ALA A 105 32.52 6.94 16.12
N GLU A 106 32.03 7.81 15.24
CA GLU A 106 32.11 9.25 15.45
C GLU A 106 31.22 9.68 16.63
N MET A 107 30.11 8.99 16.83
CA MET A 107 29.19 9.34 17.92
C MET A 107 29.69 8.83 19.27
N GLY A 108 30.53 7.81 19.26
CA GLY A 108 31.20 7.36 20.47
C GLY A 108 30.35 6.48 21.35
N GLU A 109 30.55 6.61 22.66
CA GLU A 109 29.99 5.67 23.62
C GLU A 109 28.48 5.56 23.53
N ALA A 110 27.84 6.65 23.15
CA ALA A 110 26.38 6.68 23.15
C ALA A 110 25.72 5.85 22.05
N ALA A 111 26.48 5.42 21.04
CA ALA A 111 25.88 4.86 19.84
C ALA A 111 26.19 3.39 19.60
N HIS A 112 25.20 2.70 19.03
CA HIS A 112 25.32 1.35 18.52
C HIS A 112 24.69 1.27 17.12
N ALA A 113 25.06 0.24 16.36
CA ALA A 113 24.62 0.11 14.96
C ALA A 113 23.65 -1.04 14.71
N VAL A 114 22.71 -0.85 13.79
CA VAL A 114 21.98 -1.95 13.17
C VAL A 114 22.36 -1.94 11.69
N VAL A 115 22.84 -3.09 11.20
CA VAL A 115 23.50 -3.13 9.90
C VAL A 115 22.84 -4.17 8.99
N ILE A 116 23.41 -4.38 7.80
CA ILE A 116 22.98 -5.42 6.87
C ILE A 116 23.91 -6.63 6.96
N ILE A 117 23.32 -7.79 7.19
CA ILE A 117 23.98 -9.07 6.99
C ILE A 117 23.12 -9.91 6.06
N ASP A 118 23.70 -10.95 5.52
CA ASP A 118 22.94 -11.88 4.68
C ASP A 118 23.66 -13.24 4.66
N ALA A 119 23.28 -14.12 3.74
CA ALA A 119 23.85 -15.46 3.73
C ALA A 119 25.35 -15.49 3.43
N THR A 120 25.93 -14.38 2.99
CA THR A 120 27.36 -14.34 2.69
C THR A 120 28.17 -13.94 3.92
N THR A 121 27.49 -13.55 5.00
CA THR A 121 28.16 -13.03 6.18
C THR A 121 28.71 -14.15 7.07
N THR A 122 30.03 -14.15 7.27
CA THR A 122 30.69 -15.21 8.02
C THR A 122 30.70 -14.93 9.52
N GLU A 123 31.08 -15.95 10.29
CA GLU A 123 31.25 -15.80 11.73
C GLU A 123 32.25 -14.71 12.07
N LYS A 124 33.37 -14.69 11.36
CA LYS A 124 34.37 -13.66 11.55
C LYS A 124 33.85 -12.26 11.20
N ASP A 125 33.09 -12.16 10.12
CA ASP A 125 32.41 -10.91 9.79
C ASP A 125 31.52 -10.42 10.96
N MET A 126 30.80 -11.35 11.58
CA MET A 126 29.87 -11.02 12.66
C MET A 126 30.63 -10.49 13.88
N GLU A 127 31.78 -11.08 14.17
CA GLU A 127 32.60 -10.59 15.29
C GLU A 127 33.17 -9.20 15.01
N LYS A 128 33.60 -8.94 13.78
CA LYS A 128 34.02 -7.58 13.39
C LYS A 128 32.89 -6.61 13.61
N LEU A 129 31.68 -6.99 13.20
CA LEU A 129 30.58 -6.06 13.34
C LEU A 129 30.25 -5.82 14.82
N THR A 130 30.25 -6.89 15.61
CA THR A 130 29.99 -6.74 17.05
C THR A 130 31.01 -5.83 17.74
N ALA A 131 32.29 -6.01 17.42
CA ALA A 131 33.35 -5.20 18.05
C ALA A 131 33.19 -3.72 17.71
N ALA A 132 32.64 -3.44 16.52
CA ALA A 132 32.40 -2.09 16.03
C ALA A 132 31.07 -1.49 16.47
N GLY A 133 30.41 -2.12 17.44
CA GLY A 133 29.21 -1.59 18.05
C GLY A 133 27.90 -2.05 17.41
N THR A 134 27.94 -3.08 16.59
CA THR A 134 26.69 -3.58 15.99
C THR A 134 25.92 -4.45 16.98
N VAL A 135 24.63 -4.14 17.10
CA VAL A 135 23.69 -4.84 17.99
C VAL A 135 22.55 -5.55 17.22
N GLY A 136 22.49 -5.37 15.92
CA GLY A 136 21.45 -6.05 15.17
C GLY A 136 21.56 -5.87 13.68
N ALA A 137 20.65 -6.54 12.99
CA ALA A 137 20.57 -6.51 11.54
C ALA A 137 19.18 -6.09 11.10
N ARG A 138 19.10 -5.60 9.87
CA ARG A 138 17.87 -5.04 9.32
C ARG A 138 17.28 -5.80 8.14
N ILE A 139 15.98 -6.08 8.24
CA ILE A 139 15.13 -6.56 7.16
C ILE A 139 14.15 -5.44 6.81
N MET A 140 14.09 -5.07 5.53
CA MET A 140 13.19 -4.05 5.01
C MET A 140 12.57 -4.63 3.74
N ASP A 141 11.30 -5.03 3.87
CA ASP A 141 10.57 -5.70 2.80
C ASP A 141 9.85 -4.70 1.85
N LEU A 142 9.83 -3.42 2.24
CA LEU A 142 9.16 -2.38 1.45
C LEU A 142 10.13 -1.81 0.40
N PRO A 143 9.63 -1.04 -0.55
CA PRO A 143 10.50 -0.52 -1.60
C PRO A 143 11.73 0.24 -1.09
N GLY A 144 12.87 -0.03 -1.73
CA GLY A 144 14.10 0.59 -1.30
C GLY A 144 14.92 -0.25 -0.33
N GLY A 145 14.30 -1.25 0.29
CA GLY A 145 15.01 -2.08 1.24
C GLY A 145 16.08 -2.95 0.60
N ALA A 146 17.17 -3.19 1.33
CA ALA A 146 18.28 -3.98 0.83
C ALA A 146 17.99 -5.47 0.93
N VAL A 147 17.43 -5.91 2.05
CA VAL A 147 17.20 -7.33 2.33
C VAL A 147 15.74 -7.54 2.70
N ASN A 148 15.00 -8.27 1.87
CA ASN A 148 13.56 -8.43 2.10
C ASN A 148 13.25 -9.71 2.89
N LEU A 149 11.97 -9.96 3.12
CA LEU A 149 11.59 -11.03 4.01
C LEU A 149 12.05 -12.42 3.56
N SER A 150 12.33 -12.60 2.27
CA SER A 150 12.78 -13.91 1.79
C SER A 150 14.16 -14.31 2.32
N GLU A 151 14.91 -13.34 2.85
CA GLU A 151 16.19 -13.63 3.45
C GLU A 151 16.13 -13.69 4.96
N LEU A 152 14.92 -13.76 5.52
CA LEU A 152 14.75 -13.71 6.96
C LEU A 152 15.52 -14.81 7.67
N ASP A 153 15.42 -16.04 7.18
CA ASP A 153 16.00 -17.17 7.90
C ASP A 153 17.51 -17.02 7.97
N ALA A 154 18.12 -16.55 6.89
CA ALA A 154 19.57 -16.40 6.84
C ALA A 154 20.08 -15.31 7.80
N VAL A 155 19.35 -14.19 7.83
CA VAL A 155 19.67 -13.10 8.75
C VAL A 155 19.45 -13.53 10.20
N ASP A 156 18.30 -14.15 10.45
CA ASP A 156 17.92 -14.63 11.79
C ASP A 156 18.89 -15.68 12.35
N GLU A 157 19.31 -16.65 11.54
CA GLU A 157 20.20 -17.67 12.06
C GLU A 157 21.52 -17.07 12.57
N ARG A 158 22.06 -16.12 11.81
CA ARG A 158 23.30 -15.44 12.21
C ARG A 158 23.06 -14.50 13.38
N ALA A 159 21.98 -13.72 13.32
CA ALA A 159 21.71 -12.81 14.43
C ALA A 159 21.57 -13.60 15.72
N HIS A 160 20.84 -14.70 15.68
CA HIS A 160 20.62 -15.47 16.87
C HIS A 160 21.94 -16.00 17.41
N ALA A 161 22.76 -16.56 16.53
CA ALA A 161 24.09 -17.07 16.91
C ALA A 161 24.97 -16.03 17.59
N ALA A 162 24.79 -14.77 17.21
CA ALA A 162 25.54 -13.63 17.77
C ALA A 162 24.83 -12.95 18.94
N ASP A 163 23.65 -13.45 19.34
CA ASP A 163 22.85 -12.85 20.40
C ASP A 163 22.45 -11.40 20.06
N TRP A 164 22.28 -11.12 18.76
CA TRP A 164 21.81 -9.82 18.28
C TRP A 164 20.28 -9.83 18.19
N MET A 165 19.74 -8.66 17.85
CA MET A 165 18.34 -8.51 17.45
C MET A 165 18.25 -8.25 15.95
N VAL A 166 17.02 -8.32 15.44
CA VAL A 166 16.73 -8.03 14.04
C VAL A 166 15.59 -7.01 14.01
N ALA A 167 15.76 -5.96 13.22
CA ALA A 167 14.68 -5.00 12.96
C ALA A 167 13.99 -5.46 11.71
N VAL A 168 12.66 -5.58 11.78
CA VAL A 168 11.88 -6.16 10.70
C VAL A 168 10.78 -5.16 10.32
N GLN A 169 10.81 -4.73 9.06
CA GLN A 169 9.84 -3.74 8.56
C GLN A 169 9.18 -4.28 7.30
N PHE A 170 7.85 -4.28 7.30
CA PHE A 170 7.08 -4.72 6.16
C PHE A 170 5.70 -4.09 6.27
N ASP A 171 4.91 -4.24 5.21
CA ASP A 171 3.54 -3.74 5.20
C ASP A 171 2.74 -4.64 6.12
N GLY A 172 2.37 -4.09 7.26
CA GLY A 172 1.70 -4.82 8.32
C GLY A 172 0.40 -5.46 7.90
N ASN A 173 -0.26 -4.95 6.87
CA ASN A 173 -1.48 -5.60 6.39
C ASN A 173 -1.26 -6.98 5.80
N GLY A 174 0.00 -7.33 5.58
CA GLY A 174 0.36 -8.67 5.20
C GLY A 174 0.80 -9.60 6.35
N LEU A 175 0.56 -9.18 7.59
CA LEU A 175 1.01 -9.94 8.74
C LEU A 175 0.52 -11.40 8.71
N LEU A 176 -0.74 -11.62 8.35
CA LEU A 176 -1.28 -12.97 8.42
C LEU A 176 -0.57 -13.87 7.40
N ASP A 177 -0.23 -13.30 6.25
CA ASP A 177 0.52 -14.08 5.26
C ASP A 177 1.90 -14.49 5.77
N HIS A 178 2.54 -13.63 6.55
CA HIS A 178 3.89 -13.90 7.06
C HIS A 178 3.93 -14.64 8.39
N LEU A 179 2.79 -14.88 9.02
CA LEU A 179 2.77 -15.43 10.38
C LEU A 179 3.61 -16.69 10.59
N PRO A 180 3.46 -17.71 9.72
CA PRO A 180 4.25 -18.92 9.96
C PRO A 180 5.76 -18.66 9.99
N ARG A 181 6.25 -17.78 9.13
CA ARG A 181 7.68 -17.47 9.15
C ARG A 181 8.07 -16.57 10.33
N LEU A 182 7.18 -15.68 10.74
CA LEU A 182 7.49 -14.82 11.88
C LEU A 182 7.54 -15.65 13.18
N GLN A 183 6.71 -16.69 13.28
CA GLN A 183 6.70 -17.61 14.43
C GLN A 183 8.00 -18.36 14.61
N LYS A 184 8.69 -18.60 13.50
CA LYS A 184 9.93 -19.36 13.54
C LYS A 184 11.15 -18.51 13.86
N ILE A 185 10.99 -17.20 14.02
CA ILE A 185 12.13 -16.34 14.28
C ILE A 185 12.79 -16.72 15.61
N ARG A 186 14.08 -17.00 15.55
CA ARG A 186 14.85 -17.43 16.70
C ARG A 186 15.26 -16.25 17.55
N SER A 187 15.60 -15.15 16.89
CA SER A 187 16.18 -13.98 17.55
C SER A 187 15.18 -13.12 18.27
N ARG A 188 15.70 -12.24 19.12
CA ARG A 188 14.93 -11.07 19.52
C ARG A 188 14.70 -10.22 18.27
N TRP A 189 13.50 -9.67 18.11
CA TRP A 189 13.28 -8.79 17.00
C TRP A 189 12.29 -7.67 17.35
N VAL A 190 12.30 -6.64 16.52
CA VAL A 190 11.38 -5.53 16.69
C VAL A 190 10.64 -5.32 15.38
N PHE A 191 9.35 -5.07 15.51
CA PHE A 191 8.42 -4.82 14.40
C PHE A 191 8.38 -3.32 14.22
N ASP A 192 8.92 -2.82 13.09
CA ASP A 192 9.17 -1.39 12.90
C ASP A 192 7.91 -0.53 12.70
N HIS A 193 8.01 0.72 13.17
CA HIS A 193 7.15 1.84 12.72
C HIS A 193 5.67 1.57 12.88
N HIS A 194 5.31 1.17 14.10
CA HIS A 194 3.92 0.84 14.47
C HIS A 194 3.33 -0.20 13.50
N GLY A 195 4.17 -1.07 12.96
CA GLY A 195 3.71 -2.13 12.08
C GLY A 195 3.43 -1.75 10.63
N LYS A 196 3.49 -0.45 10.32
CA LYS A 196 3.15 0.05 8.98
C LYS A 196 1.90 -0.64 8.43
N PHE A 197 0.82 -0.56 9.20
CA PHE A 197 -0.46 -1.06 8.77
C PHE A 197 -1.11 0.07 7.95
N PHE A 198 -0.72 0.17 6.68
CA PHE A 198 -1.09 1.34 5.87
C PHE A 198 -2.60 1.52 5.76
N LYS A 199 -3.34 0.42 5.82
CA LYS A 199 -4.81 0.48 5.73
C LYS A 199 -5.52 0.44 7.07
N GLY A 200 -4.76 0.53 8.15
CA GLY A 200 -5.27 0.31 9.48
C GLY A 200 -5.36 -1.17 9.82
N ILE A 201 -5.67 -1.49 11.08
CA ILE A 201 -6.10 -2.86 11.45
C ILE A 201 -7.11 -2.77 12.55
N ARG A 202 -7.99 -3.77 12.64
CA ARG A 202 -9.01 -3.78 13.66
C ARG A 202 -8.38 -4.15 14.98
N THR A 203 -8.86 -3.58 16.07
CA THR A 203 -8.22 -3.79 17.35
C THR A 203 -8.55 -5.16 17.93
N ASP A 204 -9.52 -5.84 17.35
CA ASP A 204 -9.96 -7.15 17.84
C ASP A 204 -10.07 -8.20 16.72
N GLY A 205 -9.41 -7.95 15.59
CA GLY A 205 -9.42 -8.89 14.48
C GLY A 205 -8.30 -9.90 14.60
N PRO A 206 -8.17 -10.79 13.60
CA PRO A 206 -7.14 -11.82 13.63
C PRO A 206 -5.76 -11.24 13.57
N GLU A 207 -5.58 -10.08 12.92
CA GLU A 207 -4.26 -9.47 12.86
C GLU A 207 -3.78 -9.10 14.24
N MET A 208 -4.63 -8.43 15.00
CA MET A 208 -4.25 -8.05 16.35
C MET A 208 -4.03 -9.31 17.19
N ALA A 209 -4.93 -10.29 17.06
CA ALA A 209 -4.75 -11.55 17.79
C ALA A 209 -3.40 -12.20 17.50
N ALA A 210 -3.01 -12.23 16.23
CA ALA A 210 -1.75 -12.86 15.83
C ALA A 210 -0.57 -12.09 16.41
N LEU A 211 -0.68 -10.77 16.38
CA LEU A 211 0.42 -9.93 16.84
C LEU A 211 0.62 -10.10 18.36
N LEU A 212 -0.47 -10.11 19.11
CA LEU A 212 -0.36 -10.24 20.55
C LEU A 212 0.21 -11.61 20.95
N LYS A 213 -0.19 -12.66 20.23
CA LYS A 213 0.37 -13.98 20.45
C LYS A 213 1.85 -14.02 20.16
N LEU A 214 2.29 -13.35 19.08
CA LEU A 214 3.72 -13.25 18.81
C LEU A 214 4.43 -12.57 19.99
N ILE A 215 3.85 -11.51 20.52
CA ILE A 215 4.46 -10.77 21.64
C ILE A 215 4.53 -11.62 22.90
N ASP A 216 3.49 -12.44 23.11
CA ASP A 216 3.40 -13.27 24.31
C ASP A 216 4.58 -14.24 24.46
N ARG A 217 5.15 -14.67 23.33
CA ARG A 217 6.29 -15.58 23.34
C ARG A 217 7.52 -14.96 23.98
N GLY A 218 7.70 -13.66 23.78
CA GLY A 218 8.64 -12.91 24.58
C GLY A 218 9.87 -12.43 23.82
N ASN A 219 9.94 -12.74 22.53
CA ASN A 219 11.08 -12.33 21.73
C ASN A 219 10.80 -11.22 20.74
N LEU A 220 9.63 -10.56 20.88
CA LEU A 220 9.18 -9.49 19.97
C LEU A 220 8.86 -8.18 20.68
N TRP A 221 9.50 -7.11 20.24
CA TRP A 221 9.26 -5.76 20.66
C TRP A 221 8.52 -4.99 19.54
N PHE A 222 7.76 -3.95 19.90
CA PHE A 222 6.97 -3.15 18.96
C PHE A 222 7.42 -1.70 19.03
N LYS A 223 7.71 -1.13 17.87
CA LYS A 223 8.34 0.19 17.81
C LYS A 223 7.38 1.35 17.60
N PHE A 224 7.42 2.32 18.50
CA PHE A 224 6.72 3.57 18.32
C PHE A 224 7.68 4.60 17.68
N ALA A 225 7.71 4.62 16.36
CA ALA A 225 8.48 5.58 15.58
C ALA A 225 7.79 5.77 14.25
N GLY A 226 7.91 6.95 13.68
CA GLY A 226 7.40 7.16 12.32
C GLY A 226 5.91 7.01 12.10
N VAL A 227 5.11 7.29 13.13
CA VAL A 227 3.65 7.18 13.03
C VAL A 227 3.08 7.82 11.75
N TYR A 228 3.61 8.98 11.38
CA TYR A 228 3.09 9.75 10.24
C TYR A 228 3.37 9.07 8.89
N GLU A 229 4.25 8.07 8.87
CA GLU A 229 4.47 7.29 7.65
C GLU A 229 3.34 6.29 7.37
N SER A 230 2.45 6.04 8.33
CA SER A 230 1.35 5.10 8.11
C SER A 230 -0.03 5.66 8.45
N SER A 231 -0.10 6.69 9.28
CA SER A 231 -1.42 7.28 9.61
C SER A 231 -2.06 7.91 8.40
N ARG A 232 -3.36 7.69 8.28
CA ARG A 232 -4.18 8.36 7.26
C ARG A 232 -4.97 9.55 7.84
N LYS A 233 -4.61 9.93 9.06
CA LYS A 233 -5.31 10.97 9.78
C LYS A 233 -4.34 12.14 9.97
N SER A 234 -4.90 13.31 10.28
CA SER A 234 -4.09 14.42 10.76
C SER A 234 -3.67 14.12 12.21
N TRP A 235 -2.70 14.89 12.70
CA TRP A 235 -2.40 14.86 14.14
C TRP A 235 -3.72 14.96 14.90
N PRO A 236 -3.92 14.17 15.98
CA PRO A 236 -2.96 13.31 16.69
C PRO A 236 -2.92 11.82 16.23
N TYR A 237 -3.17 11.56 14.95
CA TYR A 237 -2.98 10.22 14.35
C TYR A 237 -3.79 9.13 15.06
N ALA A 238 -5.08 9.39 15.20
CA ALA A 238 -5.96 8.57 16.02
C ALA A 238 -6.07 7.13 15.51
N ASP A 239 -5.92 6.93 14.20
CA ASP A 239 -6.04 5.56 13.67
C ASP A 239 -4.92 4.67 14.23
N VAL A 240 -3.70 5.16 14.19
CA VAL A 240 -2.56 4.38 14.66
C VAL A 240 -2.59 4.35 16.20
N ALA A 241 -3.07 5.43 16.81
CA ALA A 241 -3.19 5.46 18.26
C ALA A 241 -4.07 4.34 18.76
N ALA A 242 -5.19 4.09 18.06
CA ALA A 242 -6.14 3.11 18.54
C ALA A 242 -5.51 1.73 18.76
N PHE A 243 -4.78 1.23 17.77
CA PHE A 243 -4.21 -0.10 17.94
C PHE A 243 -2.91 -0.04 18.74
N SER A 244 -2.17 1.07 18.66
CA SER A 244 -0.92 1.17 19.42
C SER A 244 -1.21 1.17 20.92
N ARG A 245 -2.28 1.81 21.35
CA ARG A 245 -2.65 1.79 22.78
C ARG A 245 -2.90 0.38 23.29
N VAL A 246 -3.58 -0.41 22.47
CA VAL A 246 -3.95 -1.77 22.82
C VAL A 246 -2.70 -2.65 22.98
N ILE A 247 -1.76 -2.50 22.05
CA ILE A 247 -0.53 -3.28 22.09
C ILE A 247 0.31 -2.90 23.32
N ALA A 248 0.42 -1.60 23.58
CA ALA A 248 1.22 -1.15 24.73
C ALA A 248 0.58 -1.53 26.07
N ALA A 249 -0.75 -1.58 26.12
CA ALA A 249 -1.43 -1.96 27.35
C ALA A 249 -1.22 -3.44 27.60
N HIS A 250 -1.16 -4.21 26.54
CA HIS A 250 -0.99 -5.65 26.63
C HIS A 250 0.42 -6.01 27.08
N ALA A 251 1.41 -5.26 26.60
CA ALA A 251 2.81 -5.63 26.76
C ALA A 251 3.71 -4.42 26.95
N PRO A 252 3.56 -3.74 28.10
CA PRO A 252 4.35 -2.53 28.31
C PRO A 252 5.86 -2.80 28.38
N GLU A 253 6.28 -4.02 28.67
CA GLU A 253 7.72 -4.33 28.66
C GLU A 253 8.23 -4.71 27.26
N ARG A 254 7.42 -4.47 26.23
CA ARG A 254 7.85 -4.76 24.86
C ARG A 254 7.69 -3.61 23.85
N ILE A 255 7.46 -2.40 24.34
CA ILE A 255 7.45 -1.21 23.49
C ILE A 255 8.81 -0.49 23.51
N VAL A 256 9.31 -0.12 22.34
CA VAL A 256 10.43 0.82 22.25
C VAL A 256 10.02 2.05 21.42
N TRP A 257 10.83 3.09 21.53
CA TRP A 257 10.52 4.39 20.96
C TRP A 257 11.67 4.88 20.07
N GLY A 258 11.34 5.64 19.02
CA GLY A 258 12.36 6.33 18.26
C GLY A 258 11.87 7.59 17.56
N THR A 259 12.80 8.40 17.08
CA THR A 259 12.45 9.65 16.43
C THR A 259 12.03 9.49 14.97
N ASN A 260 12.64 8.53 14.27
CA ASN A 260 12.60 8.39 12.83
C ASN A 260 13.37 9.54 12.14
N TRP A 261 14.24 10.19 12.90
CA TRP A 261 15.12 11.22 12.37
C TRP A 261 15.99 10.59 11.28
N PRO A 262 16.25 11.31 10.20
CA PRO A 262 15.91 12.70 9.91
C PRO A 262 14.63 12.92 9.10
N HIS A 263 13.67 12.01 9.26
CA HIS A 263 12.36 12.11 8.62
C HIS A 263 12.48 12.22 7.10
N ASN A 264 13.10 11.21 6.52
CA ASN A 264 13.46 11.23 5.10
C ASN A 264 12.25 11.34 4.17
N SER A 265 11.08 10.93 4.63
CA SER A 265 9.90 11.01 3.78
C SER A 265 9.40 12.43 3.66
N VAL A 266 9.96 13.35 4.46
CA VAL A 266 9.53 14.76 4.42
C VAL A 266 10.48 15.65 3.59
N ARG A 267 9.89 16.40 2.66
CA ARG A 267 10.65 17.10 1.63
C ARG A 267 10.62 18.62 1.76
N GLU A 268 9.64 19.14 2.51
CA GLU A 268 9.49 20.58 2.67
C GLU A 268 9.51 20.98 4.14
N THR A 269 10.26 22.03 4.44
CA THR A 269 10.33 22.58 5.78
C THR A 269 8.94 22.64 6.42
N ALA A 270 7.95 23.01 5.61
CA ALA A 270 6.59 23.16 6.12
C ALA A 270 6.00 21.88 6.76
N ALA A 271 6.38 20.70 6.26
CA ALA A 271 5.78 19.44 6.72
C ALA A 271 6.65 18.68 7.73
N TYR A 272 7.75 19.31 8.17
CA TYR A 272 8.69 18.65 9.06
C TYR A 272 8.16 18.63 10.50
N PRO A 273 8.15 17.46 11.13
CA PRO A 273 7.50 17.37 12.45
C PRO A 273 8.35 17.97 13.56
N ASP A 274 7.70 18.30 14.67
CA ASP A 274 8.39 18.71 15.87
C ASP A 274 8.65 17.46 16.70
N ASP A 275 9.91 17.04 16.77
CA ASP A 275 10.27 15.78 17.42
C ASP A 275 9.90 15.68 18.92
N ALA A 276 9.92 16.80 19.65
CA ALA A 276 9.55 16.73 21.06
C ALA A 276 8.05 16.52 21.22
N ARG A 277 7.27 17.20 20.40
CA ARG A 277 5.82 17.02 20.47
C ARG A 277 5.43 15.62 20.03
N LEU A 278 6.11 15.13 19.00
CA LEU A 278 5.81 13.79 18.46
C LEU A 278 6.12 12.75 19.55
N ALA A 279 7.26 12.90 20.23
CA ALA A 279 7.56 12.03 21.34
C ALA A 279 6.50 12.06 22.43
N GLU A 280 6.07 13.24 22.85
CA GLU A 280 5.06 13.32 23.91
C GLU A 280 3.79 12.59 23.47
N LEU A 281 3.44 12.74 22.20
CA LEU A 281 2.20 12.17 21.69
C LEU A 281 2.26 10.65 21.79
N THR A 282 3.29 10.04 21.25
CA THR A 282 3.25 8.60 21.14
C THR A 282 3.57 7.94 22.48
N LEU A 283 4.43 8.57 23.28
CA LEU A 283 4.67 8.07 24.62
C LEU A 283 3.38 8.17 25.45
N GLY A 284 2.55 9.16 25.13
CA GLY A 284 1.25 9.30 25.76
C GLY A 284 0.27 8.18 25.50
N TRP A 285 0.58 7.32 24.53
CA TRP A 285 -0.26 6.19 24.22
C TRP A 285 0.07 4.98 25.10
N LEU A 286 1.13 5.07 25.89
CA LEU A 286 1.45 4.00 26.80
C LEU A 286 0.53 4.03 28.01
N PRO A 287 0.43 2.90 28.73
CA PRO A 287 -0.57 2.85 29.79
C PRO A 287 -0.31 3.71 31.04
N ASP A 288 0.95 3.97 31.39
CA ASP A 288 1.26 4.77 32.57
C ASP A 288 2.72 5.21 32.57
N GLU A 289 3.12 5.93 33.61
CA GLU A 289 4.48 6.47 33.69
C GLU A 289 5.54 5.37 33.77
N ALA A 290 5.23 4.29 34.46
CA ALA A 290 6.21 3.20 34.55
C ALA A 290 6.48 2.66 33.14
N ALA A 291 5.42 2.61 32.31
CA ALA A 291 5.59 2.08 30.97
C ALA A 291 6.40 3.03 30.09
N ARG A 292 6.27 4.33 30.34
CA ARG A 292 7.06 5.32 29.61
C ARG A 292 8.53 5.16 29.96
N HIS A 293 8.86 4.95 31.24
CA HIS A 293 10.25 4.74 31.61
C HIS A 293 10.77 3.46 30.97
N ARG A 294 9.99 2.39 31.02
CA ARG A 294 10.37 1.14 30.34
C ARG A 294 10.63 1.36 28.86
N ALA A 295 9.73 2.10 28.21
CA ALA A 295 9.84 2.24 26.76
C ALA A 295 11.12 2.96 26.38
N LEU A 296 11.57 3.87 27.24
CA LEU A 296 12.73 4.69 26.94
C LEU A 296 14.06 4.11 27.43
N VAL A 297 14.03 3.25 28.45
CA VAL A 297 15.25 2.79 29.10
C VAL A 297 15.34 1.24 29.16
N GLU A 298 14.56 0.62 30.03
CA GLU A 298 14.72 -0.82 30.25
C GLU A 298 14.40 -1.68 29.03
N ASN A 299 13.36 -1.32 28.29
CA ASN A 299 12.98 -2.12 27.14
C ASN A 299 14.04 -2.09 26.02
N PRO A 300 14.54 -0.90 25.63
CA PRO A 300 15.62 -0.95 24.64
C PRO A 300 16.89 -1.60 25.21
N GLU A 301 17.17 -1.45 26.50
CA GLU A 301 18.32 -2.16 27.06
C GLU A 301 18.19 -3.68 26.86
N ALA A 302 16.98 -4.20 27.03
CA ALA A 302 16.74 -5.62 26.80
C ALA A 302 16.79 -6.02 25.32
N LEU A 303 16.18 -5.22 24.46
CA LEU A 303 16.12 -5.53 23.03
C LEU A 303 17.52 -5.59 22.41
N PHE A 304 18.35 -4.61 22.75
CA PHE A 304 19.67 -4.46 22.13
C PHE A 304 20.81 -5.02 23.01
N LYS A 305 20.46 -5.47 24.21
CA LYS A 305 21.42 -5.92 25.21
C LYS A 305 22.49 -4.89 25.53
N LEU A 306 22.03 -3.70 25.92
CA LEU A 306 22.92 -2.64 26.36
C LEU A 306 23.23 -2.75 27.83
N SER A 307 24.37 -2.20 28.21
CA SER A 307 24.70 -2.07 29.63
C SER A 307 23.67 -1.21 30.31
N PRO A 308 23.30 -1.54 31.54
CA PRO A 308 22.22 -0.78 32.17
C PRO A 308 22.68 0.60 32.59
N VAL A 309 21.81 1.60 32.53
CA VAL A 309 22.24 2.97 32.76
C VAL A 309 22.55 3.19 34.24
N LEU B 24 -32.81 1.14 -14.95
CA LEU B 24 -31.82 2.18 -14.71
C LEU B 24 -30.40 1.73 -15.03
N VAL B 25 -29.69 2.58 -15.76
CA VAL B 25 -28.26 2.41 -15.99
C VAL B 25 -27.53 3.69 -15.58
N ARG B 26 -26.45 3.55 -14.81
CA ARG B 26 -25.73 4.71 -14.28
C ARG B 26 -24.54 5.13 -15.16
N LYS B 27 -24.42 6.43 -15.37
CA LYS B 27 -23.30 7.01 -16.11
C LYS B 27 -22.03 7.03 -15.26
N LEU B 28 -20.97 6.38 -15.76
CA LEU B 28 -19.72 6.24 -15.02
C LEU B 28 -18.53 6.83 -15.77
N SER B 29 -18.76 7.40 -16.95
CA SER B 29 -17.71 8.05 -17.71
C SER B 29 -18.23 9.27 -18.47
N GLY B 30 -17.31 10.15 -18.85
CA GLY B 30 -17.63 11.34 -19.60
C GLY B 30 -16.41 12.24 -19.73
N THR B 31 -16.62 13.52 -19.99
CA THR B 31 -15.50 14.46 -20.04
C THR B 31 -15.31 15.12 -18.68
N ALA B 32 -14.05 15.42 -18.36
CA ALA B 32 -13.64 15.79 -17.02
C ALA B 32 -14.13 17.18 -16.62
N PRO B 33 -14.24 17.43 -15.30
CA PRO B 33 -14.61 18.74 -14.76
C PRO B 33 -13.59 19.81 -15.12
N ASN B 34 -14.07 21.02 -15.39
CA ASN B 34 -13.20 22.17 -15.61
C ASN B 34 -13.52 23.27 -14.60
N PRO B 35 -12.49 23.76 -13.87
CA PRO B 35 -11.12 23.27 -13.97
C PRO B 35 -10.97 21.88 -13.35
N ALA B 36 -9.85 21.23 -13.62
CA ALA B 36 -9.57 19.92 -13.04
C ALA B 36 -9.60 19.99 -11.52
N PHE B 37 -10.04 18.91 -10.89
CA PHE B 37 -9.91 18.80 -9.44
C PHE B 37 -8.42 18.82 -9.05
N PRO B 38 -8.11 19.51 -7.95
CA PRO B 38 -6.75 19.44 -7.43
C PRO B 38 -6.46 18.07 -6.86
N ARG B 39 -5.18 17.74 -6.81
CA ARG B 39 -4.70 16.56 -6.11
C ARG B 39 -5.25 16.52 -4.69
N GLY B 40 -5.72 15.35 -4.29
CA GLY B 40 -6.24 15.12 -2.96
C GLY B 40 -7.74 15.31 -2.80
N ALA B 41 -8.43 15.66 -3.87
CA ALA B 41 -9.84 16.05 -3.78
C ALA B 41 -10.68 14.96 -3.12
N VAL B 42 -11.57 15.38 -2.22
CA VAL B 42 -12.35 14.48 -1.43
C VAL B 42 -13.82 14.56 -1.82
N ASP B 43 -14.39 13.41 -2.16
CA ASP B 43 -15.84 13.28 -2.28
C ASP B 43 -16.39 12.96 -0.88
N THR B 44 -17.09 13.92 -0.27
CA THR B 44 -17.57 13.72 1.09
C THR B 44 -18.95 13.10 1.20
N GLN B 45 -19.58 12.78 0.06
CA GLN B 45 -20.96 12.31 0.12
C GLN B 45 -21.24 11.23 -0.90
N MET B 46 -21.22 9.98 -0.47
CA MET B 46 -21.55 8.89 -1.34
C MET B 46 -21.89 7.65 -0.51
N HIS B 47 -22.66 6.75 -1.11
CA HIS B 47 -22.89 5.42 -0.57
C HIS B 47 -22.33 4.36 -1.52
N MET B 48 -21.95 3.22 -0.95
CA MET B 48 -21.41 2.09 -1.69
C MET B 48 -22.05 0.80 -1.18
N TYR B 49 -22.21 -0.16 -2.09
CA TYR B 49 -22.94 -1.39 -1.79
C TYR B 49 -22.17 -2.58 -2.31
N LEU B 50 -21.85 -3.50 -1.39
CA LEU B 50 -21.27 -4.78 -1.78
C LEU B 50 -22.33 -5.89 -1.78
N PRO B 51 -22.21 -6.81 -2.74
CA PRO B 51 -23.21 -7.89 -2.79
C PRO B 51 -23.09 -8.80 -1.57
N GLY B 52 -24.22 -9.23 -1.02
CA GLY B 52 -24.22 -10.16 0.09
C GLY B 52 -24.47 -9.49 1.43
N TYR B 53 -24.60 -8.16 1.43
CA TYR B 53 -25.03 -7.40 2.60
C TYR B 53 -26.46 -6.91 2.39
N PRO B 54 -27.41 -7.66 2.94
CA PRO B 54 -28.82 -7.35 2.66
C PRO B 54 -29.29 -6.08 3.37
N ALA B 55 -30.37 -5.51 2.88
CA ALA B 55 -31.00 -4.40 3.58
C ALA B 55 -31.57 -4.92 4.89
N LEU B 56 -31.65 -4.04 5.86
CA LEU B 56 -32.25 -4.35 7.15
C LEU B 56 -33.64 -3.73 7.24
N PRO B 57 -34.48 -4.30 8.13
CA PRO B 57 -35.81 -3.74 8.38
C PRO B 57 -35.75 -2.29 8.83
N GLY B 58 -36.60 -1.46 8.23
CA GLY B 58 -36.71 -0.07 8.62
C GLY B 58 -36.24 0.90 7.55
N GLY B 59 -35.42 0.42 6.62
CA GLY B 59 -34.91 1.27 5.56
C GLY B 59 -35.63 1.05 4.25
N PRO B 60 -35.11 1.65 3.16
CA PRO B 60 -35.73 1.68 1.83
C PRO B 60 -35.47 0.47 0.94
N GLY B 61 -34.59 -0.43 1.35
CA GLY B 61 -34.16 -1.49 0.46
C GLY B 61 -32.95 -1.05 -0.33
N LEU B 62 -32.28 -2.00 -0.97
CA LEU B 62 -31.10 -1.71 -1.77
C LEU B 62 -31.45 -0.89 -3.00
N PRO B 63 -30.45 -0.18 -3.57
CA PRO B 63 -30.63 0.65 -4.76
C PRO B 63 -31.11 -0.15 -5.97
N PRO B 64 -31.80 0.53 -6.90
CA PRO B 64 -32.21 -0.08 -8.17
C PRO B 64 -31.03 -0.27 -9.12
N GLY B 65 -31.22 -1.12 -10.12
CA GLY B 65 -30.22 -1.34 -11.14
C GLY B 65 -29.16 -2.30 -10.69
N ALA B 66 -28.04 -2.30 -11.38
CA ALA B 66 -26.90 -3.09 -10.94
C ALA B 66 -26.49 -2.50 -9.60
N LEU B 67 -26.15 -3.36 -8.64
CA LEU B 67 -25.76 -2.88 -7.32
C LEU B 67 -24.52 -2.00 -7.46
N PRO B 68 -24.60 -0.73 -7.03
CA PRO B 68 -23.46 0.15 -7.24
C PRO B 68 -22.34 -0.05 -6.22
N GLY B 69 -21.21 -0.60 -6.68
CA GLY B 69 -20.13 -0.98 -5.78
C GLY B 69 -18.79 -0.37 -6.10
N PRO B 70 -17.72 -0.93 -5.50
CA PRO B 70 -16.38 -0.39 -5.65
C PRO B 70 -15.92 -0.22 -7.10
N GLU B 71 -16.20 -1.20 -7.94
CA GLU B 71 -15.74 -1.16 -9.32
C GLU B 71 -16.34 0.04 -10.08
N ASP B 72 -17.64 0.24 -9.92
CA ASP B 72 -18.33 1.36 -10.52
C ASP B 72 -17.80 2.68 -9.98
N TYR B 73 -17.63 2.76 -8.67
CA TYR B 73 -17.21 4.02 -8.09
C TYR B 73 -15.77 4.37 -8.47
N ARG B 74 -14.91 3.35 -8.62
CA ARG B 74 -13.53 3.63 -9.00
C ARG B 74 -13.51 4.30 -10.37
N ARG B 75 -14.40 3.85 -11.25
CA ARG B 75 -14.56 4.48 -12.55
C ARG B 75 -14.93 5.96 -12.40
N LEU B 76 -15.85 6.23 -11.47
CA LEU B 76 -16.30 7.60 -11.26
C LEU B 76 -15.15 8.47 -10.72
N MET B 77 -14.38 7.93 -9.80
CA MET B 77 -13.21 8.64 -9.28
C MET B 77 -12.21 9.05 -10.38
N GLN B 78 -11.96 8.14 -11.31
CA GLN B 78 -11.02 8.44 -12.38
C GLN B 78 -11.58 9.47 -13.35
N TRP B 79 -12.87 9.42 -13.61
CA TRP B 79 -13.52 10.41 -14.46
C TRP B 79 -13.45 11.81 -13.84
N LEU B 80 -13.81 11.95 -12.56
CA LEU B 80 -13.87 13.28 -11.95
C LEU B 80 -12.54 13.80 -11.40
N GLY B 81 -11.58 12.91 -11.16
CA GLY B 81 -10.36 13.28 -10.48
C GLY B 81 -10.52 13.31 -8.96
N ILE B 82 -11.37 12.45 -8.43
CA ILE B 82 -11.52 12.27 -6.99
C ILE B 82 -10.39 11.37 -6.50
N ASP B 83 -9.66 11.83 -5.48
CA ASP B 83 -8.54 11.05 -4.94
C ASP B 83 -8.88 10.35 -3.61
N ARG B 84 -9.81 10.94 -2.84
CA ARG B 84 -10.19 10.39 -1.54
C ARG B 84 -11.71 10.38 -1.41
N VAL B 85 -12.22 9.43 -0.64
CA VAL B 85 -13.65 9.25 -0.52
C VAL B 85 -14.08 8.95 0.92
N ILE B 86 -15.19 9.55 1.32
CA ILE B 86 -15.85 9.25 2.58
C ILE B 86 -17.07 8.41 2.21
N ILE B 87 -17.13 7.19 2.74
CA ILE B 87 -18.22 6.29 2.45
C ILE B 87 -19.18 6.33 3.62
N THR B 88 -20.40 6.77 3.39
CA THR B 88 -21.36 6.92 4.45
C THR B 88 -22.36 5.80 4.40
N GLN B 89 -22.66 5.28 5.59
CA GLN B 89 -23.75 4.34 5.78
C GLN B 89 -25.02 4.72 5.04
N GLY B 90 -25.54 3.77 4.26
CA GLY B 90 -26.80 4.01 3.59
C GLY B 90 -27.97 3.65 4.49
N ASN B 91 -29.11 4.28 4.22
CA ASN B 91 -30.30 3.97 5.00
C ASN B 91 -30.70 2.51 4.93
N ALA B 92 -30.37 1.88 3.80
CA ALA B 92 -30.71 0.46 3.58
C ALA B 92 -30.23 -0.44 4.68
N HIS B 93 -29.08 -0.09 5.26
CA HIS B 93 -28.46 -0.96 6.27
C HIS B 93 -28.76 -0.60 7.72
N GLN B 94 -29.58 0.42 7.92
CA GLN B 94 -30.02 0.83 9.25
C GLN B 94 -28.85 0.93 10.22
N ARG B 95 -28.82 0.17 11.31
CA ARG B 95 -27.74 0.29 12.31
C ARG B 95 -26.62 -0.73 12.17
N ASP B 96 -26.63 -1.47 11.07
CA ASP B 96 -25.64 -2.53 10.80
C ASP B 96 -24.56 -1.93 9.88
N ASN B 97 -23.35 -1.76 10.44
CA ASN B 97 -22.28 -1.07 9.73
C ASN B 97 -21.42 -1.98 8.86
N GLY B 98 -21.83 -3.24 8.71
CA GLY B 98 -21.00 -4.23 8.03
C GLY B 98 -20.65 -3.88 6.59
N ASN B 99 -21.68 -3.54 5.83
CA ASN B 99 -21.42 -3.19 4.45
C ASN B 99 -20.49 -1.98 4.33
N THR B 100 -20.76 -0.91 5.08
CA THR B 100 -19.95 0.29 4.92
C THR B 100 -18.49 0.01 5.31
N LEU B 101 -18.27 -0.69 6.41
CA LEU B 101 -16.90 -1.01 6.80
C LEU B 101 -16.21 -1.92 5.78
N ALA B 102 -16.95 -2.85 5.18
CA ALA B 102 -16.35 -3.73 4.17
C ALA B 102 -16.01 -2.96 2.90
N CYS B 103 -16.82 -1.95 2.57
CA CYS B 103 -16.52 -1.12 1.41
C CYS B 103 -15.24 -0.32 1.63
N VAL B 104 -15.06 0.21 2.83
CA VAL B 104 -13.86 0.98 3.17
C VAL B 104 -12.65 0.07 3.10
N ALA B 105 -12.77 -1.15 3.62
CA ALA B 105 -11.70 -2.13 3.51
C ALA B 105 -11.30 -2.42 2.05
N GLU B 106 -12.30 -2.60 1.18
CA GLU B 106 -12.06 -2.87 -0.25
C GLU B 106 -11.43 -1.68 -0.99
N MET B 107 -11.85 -0.47 -0.64
CA MET B 107 -11.35 0.73 -1.31
C MET B 107 -9.95 1.09 -0.83
N GLY B 108 -9.58 0.65 0.36
CA GLY B 108 -8.21 0.83 0.79
C GLY B 108 -7.92 2.21 1.29
N GLU B 109 -6.66 2.64 1.12
CA GLU B 109 -6.16 3.83 1.81
C GLU B 109 -6.93 5.11 1.50
N ALA B 110 -7.55 5.16 0.33
CA ALA B 110 -8.26 6.36 -0.08
C ALA B 110 -9.59 6.57 0.61
N ALA B 111 -10.09 5.57 1.34
CA ALA B 111 -11.44 5.68 1.91
C ALA B 111 -11.49 5.69 3.42
N HIS B 112 -12.47 6.45 3.93
CA HIS B 112 -12.85 6.40 5.33
C HIS B 112 -14.37 6.28 5.46
N ALA B 113 -14.84 5.96 6.66
CA ALA B 113 -16.25 5.61 6.86
C ALA B 113 -16.98 6.60 7.74
N VAL B 114 -18.24 6.85 7.42
CA VAL B 114 -19.17 7.43 8.39
C VAL B 114 -20.24 6.38 8.70
N VAL B 115 -20.40 6.06 9.98
CA VAL B 115 -21.15 4.88 10.40
C VAL B 115 -22.29 5.24 11.33
N ILE B 116 -22.98 4.22 11.81
CA ILE B 116 -23.99 4.40 12.85
C ILE B 116 -23.45 4.08 14.24
N ILE B 117 -23.63 5.02 15.16
CA ILE B 117 -23.45 4.77 16.58
C ILE B 117 -24.69 5.25 17.34
N ASP B 118 -24.85 4.79 18.58
CA ASP B 118 -25.95 5.22 19.42
C ASP B 118 -25.57 5.05 20.88
N ALA B 119 -26.53 5.18 21.80
CA ALA B 119 -26.21 5.14 23.23
C ALA B 119 -25.64 3.79 23.66
N THR B 120 -25.77 2.79 22.80
CA THR B 120 -25.24 1.47 23.12
C THR B 120 -23.76 1.27 22.73
N THR B 121 -23.22 2.17 21.90
CA THR B 121 -21.84 2.07 21.46
C THR B 121 -20.85 2.39 22.58
N THR B 122 -19.97 1.44 22.90
CA THR B 122 -19.05 1.61 24.00
C THR B 122 -17.76 2.32 23.57
N GLU B 123 -16.93 2.68 24.55
CA GLU B 123 -15.68 3.37 24.24
C GLU B 123 -14.79 2.44 23.46
N LYS B 124 -14.79 1.17 23.86
CA LYS B 124 -14.09 0.13 23.13
C LYS B 124 -14.56 0.03 21.67
N ASP B 125 -15.88 0.08 21.46
CA ASP B 125 -16.46 0.05 20.12
C ASP B 125 -15.95 1.23 19.30
N MET B 126 -15.89 2.40 19.93
CA MET B 126 -15.44 3.60 19.24
C MET B 126 -13.98 3.47 18.75
N GLU B 127 -13.10 2.99 19.61
CA GLU B 127 -11.71 2.74 19.20
C GLU B 127 -11.62 1.69 18.08
N LYS B 128 -12.43 0.64 18.17
CA LYS B 128 -12.54 -0.38 17.12
C LYS B 128 -12.92 0.28 15.79
N LEU B 129 -13.89 1.19 15.82
CA LEU B 129 -14.35 1.87 14.61
C LEU B 129 -13.29 2.83 14.08
N THR B 130 -12.68 3.60 14.97
CA THR B 130 -11.58 4.47 14.59
C THR B 130 -10.47 3.68 13.90
N ALA B 131 -10.11 2.55 14.46
CA ALA B 131 -9.02 1.76 13.88
C ALA B 131 -9.38 1.23 12.48
N ALA B 132 -10.68 1.01 12.25
CA ALA B 132 -11.18 0.48 10.99
C ALA B 132 -11.39 1.60 9.98
N GLY B 133 -11.02 2.83 10.32
CA GLY B 133 -11.09 3.95 9.39
C GLY B 133 -12.36 4.78 9.49
N THR B 134 -13.06 4.71 10.62
CA THR B 134 -14.26 5.54 10.83
C THR B 134 -13.88 6.96 11.26
N VAL B 135 -14.44 7.94 10.56
CA VAL B 135 -14.20 9.37 10.82
C VAL B 135 -15.43 10.11 11.35
N GLY B 136 -16.57 9.44 11.35
CA GLY B 136 -17.80 10.11 11.82
C GLY B 136 -18.98 9.20 11.98
N ALA B 137 -20.07 9.77 12.49
CA ALA B 137 -21.32 9.08 12.69
C ALA B 137 -22.42 9.83 11.94
N ARG B 138 -23.51 9.15 11.60
CA ARG B 138 -24.60 9.73 10.82
C ARG B 138 -25.92 9.85 11.60
N ILE B 139 -26.50 11.05 11.55
CA ILE B 139 -27.88 11.32 11.96
C ILE B 139 -28.71 11.65 10.73
N MET B 140 -29.82 10.94 10.56
CA MET B 140 -30.72 11.17 9.43
C MET B 140 -32.12 11.25 9.99
N ASP B 141 -32.68 12.46 9.98
CA ASP B 141 -33.98 12.71 10.59
C ASP B 141 -35.15 12.41 9.66
N LEU B 142 -34.87 12.25 8.38
CA LEU B 142 -35.94 12.04 7.40
C LEU B 142 -36.33 10.58 7.31
N PRO B 143 -37.53 10.29 6.83
CA PRO B 143 -38.00 8.90 6.78
C PRO B 143 -36.98 7.95 6.13
N GLY B 144 -36.79 6.81 6.77
CA GLY B 144 -35.79 5.86 6.31
C GLY B 144 -34.49 5.92 7.07
N GLY B 145 -34.22 7.02 7.75
CA GLY B 145 -32.99 7.16 8.49
C GLY B 145 -32.92 6.19 9.66
N ALA B 146 -31.70 5.77 9.98
CA ALA B 146 -31.51 4.83 11.09
C ALA B 146 -31.60 5.52 12.46
N VAL B 147 -30.96 6.68 12.61
CA VAL B 147 -30.89 7.39 13.89
C VAL B 147 -31.28 8.84 13.64
N ASN B 148 -32.40 9.24 14.21
CA ASN B 148 -32.95 10.56 13.96
C ASN B 148 -32.48 11.54 15.02
N LEU B 149 -32.93 12.78 14.97
CA LEU B 149 -32.40 13.81 15.86
C LEU B 149 -32.70 13.54 17.34
N SER B 150 -33.65 12.65 17.64
CA SER B 150 -33.95 12.38 19.04
C SER B 150 -32.75 11.76 19.78
N GLU B 151 -31.83 11.16 19.02
CA GLU B 151 -30.64 10.53 19.60
C GLU B 151 -29.36 11.34 19.36
N LEU B 152 -29.50 12.59 18.95
CA LEU B 152 -28.33 13.44 18.65
C LEU B 152 -27.38 13.55 19.82
N ASP B 153 -27.90 13.75 21.04
CA ASP B 153 -27.01 13.97 22.18
C ASP B 153 -26.08 12.78 22.42
N ALA B 154 -26.63 11.57 22.33
CA ALA B 154 -25.83 10.37 22.59
C ALA B 154 -24.76 10.18 21.52
N VAL B 155 -25.13 10.44 20.27
CA VAL B 155 -24.21 10.29 19.16
C VAL B 155 -23.09 11.33 19.29
N ASP B 156 -23.50 12.55 19.56
CA ASP B 156 -22.56 13.69 19.66
C ASP B 156 -21.59 13.51 20.83
N GLU B 157 -22.08 13.05 21.98
CA GLU B 157 -21.19 12.87 23.13
C GLU B 157 -20.04 11.93 22.75
N ARG B 158 -20.38 10.84 22.08
CA ARG B 158 -19.38 9.84 21.73
C ARG B 158 -18.46 10.30 20.61
N ALA B 159 -19.05 10.88 19.57
CA ALA B 159 -18.27 11.42 18.47
C ALA B 159 -17.24 12.42 19.01
N HIS B 160 -17.66 13.32 19.88
CA HIS B 160 -16.78 14.38 20.32
C HIS B 160 -15.62 13.79 21.11
N ALA B 161 -15.93 12.83 21.98
CA ALA B 161 -14.89 12.17 22.76
C ALA B 161 -13.87 11.48 21.85
N ALA B 162 -14.29 11.08 20.66
CA ALA B 162 -13.42 10.39 19.73
C ALA B 162 -12.79 11.34 18.72
N ASP B 163 -13.11 12.63 18.86
CA ASP B 163 -12.63 13.66 17.93
C ASP B 163 -13.11 13.39 16.51
N TRP B 164 -14.29 12.80 16.41
CA TRP B 164 -14.94 12.53 15.13
C TRP B 164 -15.80 13.73 14.71
N MET B 165 -16.42 13.59 13.55
CA MET B 165 -17.48 14.52 13.13
C MET B 165 -18.81 13.79 13.11
N VAL B 166 -19.88 14.53 12.91
CA VAL B 166 -21.23 13.99 12.79
C VAL B 166 -21.84 14.58 11.51
N ALA B 167 -22.39 13.71 10.65
CA ALA B 167 -23.16 14.19 9.51
C ALA B 167 -24.62 14.27 9.96
N VAL B 168 -25.26 15.44 9.76
CA VAL B 168 -26.60 15.70 10.22
C VAL B 168 -27.48 16.12 9.06
N GLN B 169 -28.53 15.33 8.82
CA GLN B 169 -29.45 15.56 7.72
C GLN B 169 -30.88 15.61 8.25
N PHE B 170 -31.58 16.68 7.91
CA PHE B 170 -32.95 16.89 8.32
C PHE B 170 -33.60 17.90 7.38
N ASP B 171 -34.91 18.08 7.52
CA ASP B 171 -35.60 19.07 6.71
C ASP B 171 -35.22 20.44 7.25
N GLY B 172 -34.47 21.19 6.46
CA GLY B 172 -33.92 22.46 6.88
C GLY B 172 -34.95 23.51 7.21
N ASN B 173 -36.18 23.34 6.70
CA ASN B 173 -37.21 24.30 7.06
C ASN B 173 -37.61 24.14 8.53
N GLY B 174 -37.09 23.10 9.19
CA GLY B 174 -37.21 22.97 10.64
C GLY B 174 -36.01 23.49 11.43
N LEU B 175 -35.10 24.19 10.75
CA LEU B 175 -33.88 24.66 11.42
C LEU B 175 -34.18 25.43 12.69
N LEU B 176 -35.14 26.34 12.64
CA LEU B 176 -35.39 27.18 13.80
C LEU B 176 -36.00 26.36 14.94
N ASP B 177 -36.68 25.26 14.60
CA ASP B 177 -37.24 24.37 15.62
C ASP B 177 -36.12 23.61 16.33
N HIS B 178 -35.12 23.21 15.58
CA HIS B 178 -34.05 22.40 16.17
C HIS B 178 -32.89 23.23 16.71
N LEU B 179 -32.93 24.55 16.49
CA LEU B 179 -31.75 25.38 16.76
C LEU B 179 -31.18 25.22 18.15
N PRO B 180 -32.03 25.20 19.19
CA PRO B 180 -31.48 25.13 20.54
C PRO B 180 -30.60 23.90 20.71
N ARG B 181 -31.01 22.78 20.14
CA ARG B 181 -30.21 21.55 20.21
C ARG B 181 -29.00 21.59 19.27
N LEU B 182 -29.15 22.19 18.10
CA LEU B 182 -28.00 22.27 17.18
C LEU B 182 -26.89 23.17 17.73
N GLN B 183 -27.28 24.21 18.43
CA GLN B 183 -26.30 25.09 19.08
C GLN B 183 -25.49 24.37 20.10
N LYS B 184 -26.01 23.30 20.68
CA LYS B 184 -25.32 22.60 21.76
C LYS B 184 -24.47 21.42 21.27
N ILE B 185 -24.38 21.23 19.96
CA ILE B 185 -23.56 20.15 19.44
C ILE B 185 -22.10 20.39 19.81
N ARG B 186 -21.51 19.39 20.43
CA ARG B 186 -20.13 19.44 20.85
C ARG B 186 -19.15 19.28 19.68
N SER B 187 -19.46 18.31 18.83
CA SER B 187 -18.58 17.88 17.77
C SER B 187 -18.50 18.82 16.58
N ARG B 188 -17.46 18.63 15.79
CA ARG B 188 -17.53 19.04 14.39
C ARG B 188 -18.70 18.36 13.71
N TRP B 189 -19.45 19.08 12.89
CA TRP B 189 -20.53 18.45 12.15
C TRP B 189 -20.74 19.14 10.80
N VAL B 190 -21.45 18.43 9.94
CA VAL B 190 -21.77 18.95 8.63
C VAL B 190 -23.26 18.85 8.43
N PHE B 191 -23.82 19.94 7.89
CA PHE B 191 -25.25 20.03 7.56
C PHE B 191 -25.41 19.53 6.14
N ASP B 192 -26.10 18.39 5.98
CA ASP B 192 -26.09 17.67 4.72
C ASP B 192 -26.91 18.34 3.59
N HIS B 193 -26.48 18.12 2.35
CA HIS B 193 -27.29 18.27 1.14
C HIS B 193 -27.93 19.66 0.97
N HIS B 194 -27.10 20.68 1.11
CA HIS B 194 -27.54 22.07 0.98
C HIS B 194 -28.63 22.41 2.00
N GLY B 195 -28.70 21.65 3.09
CA GLY B 195 -29.65 21.87 4.18
C GLY B 195 -31.05 21.29 3.96
N LYS B 196 -31.30 20.69 2.80
CA LYS B 196 -32.62 20.16 2.43
C LYS B 196 -33.75 21.11 2.87
N PHE B 197 -33.61 22.36 2.44
CA PHE B 197 -34.63 23.38 2.61
C PHE B 197 -35.65 23.17 1.47
N PHE B 198 -36.58 22.24 1.65
CA PHE B 198 -37.44 21.80 0.57
C PHE B 198 -38.36 22.90 0.05
N LYS B 199 -38.69 23.85 0.90
CA LYS B 199 -39.53 24.99 0.48
C LYS B 199 -38.69 26.25 0.18
N GLY B 200 -37.36 26.10 0.23
CA GLY B 200 -36.43 27.21 0.08
C GLY B 200 -36.24 27.93 1.41
N ILE B 201 -35.35 28.91 1.44
CA ILE B 201 -35.32 29.87 2.55
C ILE B 201 -34.96 31.23 2.06
N ARG B 202 -35.37 32.23 2.84
CA ARG B 202 -35.02 33.60 2.56
C ARG B 202 -33.53 33.79 2.84
N THR B 203 -32.87 34.57 1.99
CA THR B 203 -31.45 34.80 2.14
C THR B 203 -31.21 35.80 3.26
N ASP B 204 -32.26 36.51 3.65
CA ASP B 204 -32.19 37.61 4.61
C ASP B 204 -33.11 37.40 5.82
N GLY B 205 -33.55 36.16 6.03
CA GLY B 205 -34.50 35.88 7.09
C GLY B 205 -33.80 35.27 8.29
N PRO B 206 -34.58 34.89 9.32
CA PRO B 206 -34.05 34.26 10.54
C PRO B 206 -33.41 32.90 10.33
N GLU B 207 -33.84 32.13 9.34
CA GLU B 207 -33.17 30.87 9.05
C GLU B 207 -31.72 31.14 8.65
N MET B 208 -31.51 32.05 7.70
CA MET B 208 -30.15 32.34 7.25
C MET B 208 -29.36 32.91 8.43
N ALA B 209 -29.97 33.82 9.20
CA ALA B 209 -29.27 34.39 10.36
C ALA B 209 -28.82 33.29 11.30
N ALA B 210 -29.70 32.35 11.61
CA ALA B 210 -29.35 31.25 12.52
C ALA B 210 -28.22 30.40 11.94
N LEU B 211 -28.28 30.12 10.64
CA LEU B 211 -27.28 29.26 10.03
C LEU B 211 -25.89 29.92 10.05
N LEU B 212 -25.81 31.18 9.67
CA LEU B 212 -24.49 31.84 9.66
C LEU B 212 -23.95 31.98 11.08
N LYS B 213 -24.82 32.20 12.06
CA LYS B 213 -24.34 32.24 13.44
C LYS B 213 -23.78 30.86 13.89
N LEU B 214 -24.47 29.79 13.54
CA LEU B 214 -23.96 28.46 13.78
C LEU B 214 -22.58 28.31 13.18
N ILE B 215 -22.44 28.72 11.93
CA ILE B 215 -21.16 28.58 11.23
C ILE B 215 -20.06 29.43 11.88
N ASP B 216 -20.41 30.60 12.41
CA ASP B 216 -19.42 31.49 13.02
C ASP B 216 -18.69 30.87 14.22
N ARG B 217 -19.36 29.94 14.89
CA ARG B 217 -18.72 29.28 16.03
C ARG B 217 -17.50 28.48 15.58
N GLY B 218 -17.56 27.88 14.38
CA GLY B 218 -16.38 27.22 13.84
C GLY B 218 -16.42 25.71 13.79
N ASN B 219 -17.51 25.10 14.29
CA ASN B 219 -17.64 23.64 14.28
C ASN B 219 -18.63 23.07 13.27
N LEU B 220 -19.11 23.91 12.36
CA LEU B 220 -20.14 23.50 11.40
C LEU B 220 -19.68 23.73 9.96
N TRP B 221 -19.72 22.66 9.18
CA TRP B 221 -19.49 22.72 7.76
C TRP B 221 -20.83 22.54 7.01
N PHE B 222 -20.90 23.06 5.79
CA PHE B 222 -22.11 23.04 4.98
C PHE B 222 -21.79 22.32 3.68
N LYS B 223 -22.63 21.34 3.36
CA LYS B 223 -22.34 20.39 2.29
C LYS B 223 -23.04 20.71 0.96
N PHE B 224 -22.24 20.86 -0.10
CA PHE B 224 -22.78 20.94 -1.47
C PHE B 224 -22.82 19.54 -2.09
N ALA B 225 -23.95 18.86 -1.93
CA ALA B 225 -24.20 17.57 -2.57
C ALA B 225 -25.71 17.38 -2.70
N GLY B 226 -26.16 16.63 -3.69
CA GLY B 226 -27.57 16.28 -3.82
C GLY B 226 -28.51 17.47 -4.00
N VAL B 227 -28.05 18.53 -4.64
CA VAL B 227 -28.91 19.71 -4.82
C VAL B 227 -30.25 19.36 -5.42
N TYR B 228 -30.27 18.43 -6.36
CA TYR B 228 -31.53 18.06 -7.05
C TYR B 228 -32.56 17.38 -6.10
N GLU B 229 -32.13 16.95 -4.91
CA GLU B 229 -33.05 16.38 -3.90
C GLU B 229 -33.89 17.42 -3.17
N SER B 230 -33.52 18.70 -3.25
CA SER B 230 -34.30 19.76 -2.62
C SER B 230 -34.74 20.90 -3.56
N SER B 231 -34.07 21.08 -4.70
CA SER B 231 -34.47 22.15 -5.62
C SER B 231 -35.84 21.90 -6.18
N ARG B 232 -36.61 22.98 -6.32
CA ARG B 232 -37.92 22.94 -6.97
C ARG B 232 -37.83 23.50 -8.41
N LYS B 233 -36.61 23.73 -8.86
CA LYS B 233 -36.32 24.28 -10.16
C LYS B 233 -35.67 23.24 -11.06
N SER B 234 -35.67 23.51 -12.37
CA SER B 234 -34.85 22.72 -13.28
C SER B 234 -33.41 23.19 -13.14
N TRP B 235 -32.49 22.44 -13.72
CA TRP B 235 -31.11 22.89 -13.90
C TRP B 235 -31.16 24.33 -14.40
N PRO B 236 -30.33 25.23 -13.85
CA PRO B 236 -29.22 25.05 -12.90
C PRO B 236 -29.55 25.26 -11.42
N TYR B 237 -30.78 24.92 -11.03
CA TYR B 237 -31.18 24.89 -9.62
C TYR B 237 -31.03 26.23 -8.90
N ALA B 238 -31.62 27.28 -9.48
CA ALA B 238 -31.36 28.62 -8.99
C ALA B 238 -31.80 28.94 -7.56
N ASP B 239 -32.83 28.26 -7.10
CA ASP B 239 -33.37 28.50 -5.77
C ASP B 239 -32.32 28.15 -4.73
N VAL B 240 -31.74 26.96 -4.89
CA VAL B 240 -30.71 26.48 -3.97
C VAL B 240 -29.42 27.25 -4.18
N ALA B 241 -29.10 27.56 -5.44
CA ALA B 241 -27.94 28.37 -5.75
C ALA B 241 -27.96 29.68 -4.96
N ALA B 242 -29.13 30.33 -4.88
CA ALA B 242 -29.23 31.67 -4.29
C ALA B 242 -28.74 31.69 -2.85
N PHE B 243 -29.20 30.75 -2.02
CA PHE B 243 -28.78 30.77 -0.62
C PHE B 243 -27.43 30.08 -0.42
N SER B 244 -27.09 29.14 -1.30
CA SER B 244 -25.79 28.47 -1.22
C SER B 244 -24.65 29.45 -1.52
N ARG B 245 -24.86 30.34 -2.48
CA ARG B 245 -23.80 31.32 -2.75
C ARG B 245 -23.57 32.18 -1.51
N VAL B 246 -24.64 32.56 -0.83
CA VAL B 246 -24.51 33.44 0.32
C VAL B 246 -23.69 32.75 1.41
N ILE B 247 -24.00 31.48 1.67
CA ILE B 247 -23.34 30.72 2.71
C ILE B 247 -21.86 30.58 2.37
N ALA B 248 -21.56 30.26 1.13
CA ALA B 248 -20.19 30.04 0.74
C ALA B 248 -19.40 31.34 0.76
N ALA B 249 -20.04 32.47 0.45
CA ALA B 249 -19.34 33.75 0.49
C ALA B 249 -19.03 34.14 1.93
N HIS B 250 -19.87 33.71 2.86
CA HIS B 250 -19.71 34.05 4.25
C HIS B 250 -18.60 33.23 4.89
N ALA B 251 -18.51 31.96 4.49
CA ALA B 251 -17.61 31.00 5.15
C ALA B 251 -17.02 30.03 4.13
N PRO B 252 -16.15 30.55 3.25
CA PRO B 252 -15.52 29.68 2.25
C PRO B 252 -14.69 28.53 2.87
N GLU B 253 -14.22 28.69 4.11
CA GLU B 253 -13.48 27.62 4.79
C GLU B 253 -14.37 26.59 5.47
N ARG B 254 -15.68 26.66 5.17
CA ARG B 254 -16.63 25.73 5.80
C ARG B 254 -17.52 25.01 4.81
N ILE B 255 -17.21 25.08 3.52
CA ILE B 255 -17.99 24.32 2.51
C ILE B 255 -17.26 23.02 2.16
N VAL B 256 -17.99 21.92 2.08
CA VAL B 256 -17.46 20.70 1.50
C VAL B 256 -18.35 20.24 0.35
N TRP B 257 -17.82 19.34 -0.48
CA TRP B 257 -18.50 18.95 -1.70
C TRP B 257 -18.66 17.43 -1.75
N GLY B 258 -19.67 16.96 -2.45
CA GLY B 258 -19.77 15.54 -2.72
C GLY B 258 -20.64 15.24 -3.91
N THR B 259 -20.60 14.00 -4.36
CA THR B 259 -21.32 13.57 -5.57
C THR B 259 -22.78 13.22 -5.31
N ASN B 260 -23.06 12.78 -4.09
CA ASN B 260 -24.28 12.05 -3.73
C ASN B 260 -24.48 10.75 -4.54
N TRP B 261 -23.40 10.19 -5.07
CA TRP B 261 -23.47 8.93 -5.79
C TRP B 261 -23.92 7.85 -4.82
N PRO B 262 -24.67 6.85 -5.29
CA PRO B 262 -25.14 6.60 -6.66
C PRO B 262 -26.49 7.22 -6.98
N HIS B 263 -26.84 8.35 -6.40
CA HIS B 263 -28.07 9.06 -6.75
C HIS B 263 -29.30 8.16 -6.58
N ASN B 264 -29.44 7.66 -5.35
CA ASN B 264 -30.52 6.71 -5.01
C ASN B 264 -31.94 7.17 -5.33
N SER B 265 -32.17 8.46 -5.30
CA SER B 265 -33.51 8.97 -5.60
C SER B 265 -33.84 8.91 -7.09
N VAL B 266 -32.84 8.62 -7.93
CA VAL B 266 -33.06 8.39 -9.36
C VAL B 266 -33.32 6.94 -9.73
N ARG B 267 -34.47 6.71 -10.36
CA ARG B 267 -34.92 5.37 -10.71
C ARG B 267 -34.94 5.16 -12.22
N GLU B 268 -34.83 6.25 -12.98
CA GLU B 268 -34.91 6.18 -14.42
C GLU B 268 -33.68 6.83 -15.05
N THR B 269 -33.12 6.12 -16.03
CA THR B 269 -31.87 6.49 -16.70
C THR B 269 -31.90 7.91 -17.25
N ALA B 270 -33.04 8.30 -17.81
CA ALA B 270 -33.19 9.65 -18.38
C ALA B 270 -33.00 10.75 -17.35
N ALA B 271 -33.21 10.44 -16.07
CA ALA B 271 -33.11 11.43 -15.00
C ALA B 271 -31.74 11.42 -14.29
N TYR B 272 -30.86 10.50 -14.70
CA TYR B 272 -29.58 10.37 -14.00
C TYR B 272 -28.66 11.54 -14.35
N PRO B 273 -28.13 12.24 -13.32
CA PRO B 273 -27.27 13.40 -13.59
C PRO B 273 -25.90 13.02 -14.13
N ASP B 274 -25.30 13.98 -14.82
CA ASP B 274 -23.89 13.91 -15.21
C ASP B 274 -23.08 14.47 -14.05
N ASP B 275 -22.40 13.60 -13.33
CA ASP B 275 -21.67 14.01 -12.14
C ASP B 275 -20.61 15.07 -12.38
N ALA B 276 -19.97 15.08 -13.55
CA ALA B 276 -18.94 16.07 -13.80
C ALA B 276 -19.56 17.47 -13.98
N ARG B 277 -20.65 17.55 -14.73
CA ARG B 277 -21.30 18.84 -14.94
C ARG B 277 -21.92 19.33 -13.63
N LEU B 278 -22.43 18.38 -12.83
CA LEU B 278 -23.03 18.73 -11.57
C LEU B 278 -21.99 19.34 -10.61
N ALA B 279 -20.78 18.79 -10.61
CA ALA B 279 -19.74 19.29 -9.75
C ALA B 279 -19.34 20.69 -10.17
N GLU B 280 -19.18 20.89 -11.48
CA GLU B 280 -18.85 22.21 -12.01
C GLU B 280 -19.89 23.22 -11.57
N LEU B 281 -21.15 22.85 -11.63
CA LEU B 281 -22.23 23.79 -11.32
C LEU B 281 -22.16 24.26 -9.86
N THR B 282 -22.10 23.34 -8.92
CA THR B 282 -22.18 23.75 -7.52
C THR B 282 -20.85 24.33 -7.03
N LEU B 283 -19.72 23.82 -7.54
CA LEU B 283 -18.44 24.44 -7.23
C LEU B 283 -18.39 25.88 -7.77
N GLY B 284 -19.12 26.11 -8.86
CA GLY B 284 -19.26 27.44 -9.41
C GLY B 284 -20.07 28.40 -8.56
N TRP B 285 -20.72 27.90 -7.50
CA TRP B 285 -21.43 28.78 -6.56
C TRP B 285 -20.50 29.31 -5.46
N LEU B 286 -19.25 28.84 -5.44
CA LEU B 286 -18.30 29.33 -4.45
C LEU B 286 -17.75 30.68 -4.85
N PRO B 287 -17.16 31.43 -3.89
CA PRO B 287 -16.86 32.84 -4.24
C PRO B 287 -15.66 33.06 -5.16
N ASP B 288 -14.68 32.17 -5.14
CA ASP B 288 -13.47 32.39 -5.91
C ASP B 288 -12.70 31.08 -5.99
N GLU B 289 -11.58 31.09 -6.71
CA GLU B 289 -10.83 29.86 -6.98
C GLU B 289 -10.17 29.28 -5.73
N ALA B 290 -9.71 30.15 -4.83
CA ALA B 290 -9.15 29.68 -3.57
C ALA B 290 -10.21 28.84 -2.85
N ALA B 291 -11.45 29.33 -2.85
CA ALA B 291 -12.56 28.65 -2.18
C ALA B 291 -12.84 27.29 -2.79
N ARG B 292 -12.69 27.18 -4.10
CA ARG B 292 -12.90 25.91 -4.77
C ARG B 292 -11.86 24.90 -4.26
N HIS B 293 -10.61 25.35 -4.16
CA HIS B 293 -9.54 24.45 -3.70
C HIS B 293 -9.86 24.00 -2.29
N ARG B 294 -10.23 24.96 -1.43
CA ARG B 294 -10.60 24.65 -0.05
C ARG B 294 -11.74 23.62 0.03
N ALA B 295 -12.78 23.82 -0.78
CA ALA B 295 -13.93 22.96 -0.72
C ALA B 295 -13.56 21.52 -1.03
N LEU B 296 -12.58 21.34 -1.90
CA LEU B 296 -12.21 20.00 -2.35
C LEU B 296 -11.11 19.36 -1.51
N VAL B 297 -10.26 20.18 -0.88
CA VAL B 297 -9.07 19.65 -0.21
C VAL B 297 -8.99 20.05 1.25
N GLU B 298 -8.66 21.31 1.55
CA GLU B 298 -8.39 21.66 2.95
C GLU B 298 -9.61 21.57 3.85
N ASN B 299 -10.79 21.92 3.34
CA ASN B 299 -11.98 21.86 4.19
C ASN B 299 -12.37 20.42 4.58
N PRO B 300 -12.41 19.49 3.60
CA PRO B 300 -12.73 18.14 4.08
C PRO B 300 -11.60 17.56 4.95
N GLU B 301 -10.36 17.95 4.72
CA GLU B 301 -9.26 17.50 5.58
C GLU B 301 -9.54 17.91 7.04
N ALA B 302 -10.02 19.14 7.22
CA ALA B 302 -10.33 19.64 8.55
C ALA B 302 -11.58 19.01 9.14
N LEU B 303 -12.62 18.85 8.34
CA LEU B 303 -13.86 18.26 8.83
C LEU B 303 -13.67 16.80 9.30
N PHE B 304 -12.94 16.01 8.52
CA PHE B 304 -12.73 14.60 8.86
C PHE B 304 -11.39 14.27 9.51
N LYS B 305 -10.54 15.29 9.67
CA LYS B 305 -9.18 15.12 10.23
C LYS B 305 -8.40 14.06 9.45
N LEU B 306 -8.33 14.29 8.13
CA LEU B 306 -7.53 13.47 7.20
C LEU B 306 -6.08 13.97 7.18
N SER B 307 -5.16 13.07 6.85
CA SER B 307 -3.80 13.46 6.64
C SER B 307 -3.74 14.44 5.48
N PRO B 308 -2.92 15.48 5.62
CA PRO B 308 -2.80 16.49 4.56
C PRO B 308 -2.23 15.89 3.28
N VAL B 309 -2.81 16.25 2.15
CA VAL B 309 -2.39 15.68 0.87
C VAL B 309 -0.93 16.01 0.55
N ALA C 32 21.09 -23.62 -36.52
CA ALA C 32 19.79 -23.59 -35.86
C ALA C 32 19.59 -24.84 -35.02
N PRO C 33 18.63 -24.79 -34.07
CA PRO C 33 18.35 -25.96 -33.23
C PRO C 33 17.98 -27.21 -34.03
N ASN C 34 18.14 -28.38 -33.41
CA ASN C 34 17.90 -29.66 -34.04
C ASN C 34 17.18 -30.58 -33.06
N PRO C 35 15.90 -30.93 -33.35
CA PRO C 35 15.16 -30.57 -34.56
C PRO C 35 14.78 -29.09 -34.59
N ALA C 36 14.44 -28.60 -35.78
CA ALA C 36 14.06 -27.21 -35.99
C ALA C 36 12.81 -26.85 -35.19
N PHE C 37 12.66 -25.57 -34.84
CA PHE C 37 11.46 -25.11 -34.16
C PHE C 37 10.29 -25.17 -35.11
N PRO C 38 9.15 -25.64 -34.61
CA PRO C 38 7.89 -25.62 -35.36
C PRO C 38 7.43 -24.19 -35.55
N ARG C 39 6.62 -23.97 -36.58
CA ARG C 39 6.06 -22.67 -36.83
C ARG C 39 5.25 -22.21 -35.61
N GLY C 40 5.37 -20.91 -35.30
CA GLY C 40 4.68 -20.29 -34.18
C GLY C 40 5.42 -20.41 -32.85
N ALA C 41 6.64 -20.92 -32.89
CA ALA C 41 7.41 -21.08 -31.66
C ALA C 41 7.53 -19.76 -30.88
N VAL C 42 7.30 -19.83 -29.57
CA VAL C 42 7.33 -18.66 -28.70
C VAL C 42 8.54 -18.63 -27.75
N ASP C 43 9.30 -17.54 -27.79
CA ASP C 43 10.32 -17.26 -26.76
C ASP C 43 9.62 -16.51 -25.63
N THR C 44 9.49 -17.17 -24.48
CA THR C 44 8.72 -16.62 -23.38
C THR C 44 9.56 -15.80 -22.41
N GLN C 45 10.85 -15.68 -22.65
CA GLN C 45 11.76 -15.05 -21.69
C GLN C 45 12.85 -14.29 -22.37
N MET C 46 12.67 -12.98 -22.45
CA MET C 46 13.71 -12.11 -22.95
C MET C 46 13.46 -10.67 -22.51
N HIS C 47 14.53 -9.86 -22.54
CA HIS C 47 14.43 -8.42 -22.34
C HIS C 47 14.90 -7.71 -23.59
N MET C 48 14.42 -6.49 -23.78
CA MET C 48 14.80 -5.69 -24.94
C MET C 48 15.00 -4.25 -24.50
N TYR C 49 15.94 -3.56 -25.11
CA TYR C 49 16.25 -2.20 -24.69
C TYR C 49 16.32 -1.25 -25.88
N LEU C 50 15.59 -0.14 -25.78
CA LEU C 50 15.60 0.87 -26.83
C LEU C 50 16.43 2.03 -26.35
N PRO C 51 17.22 2.62 -27.28
CA PRO C 51 18.01 3.82 -26.98
C PRO C 51 17.08 4.94 -26.60
N GLY C 52 17.41 5.68 -25.56
CA GLY C 52 16.61 6.82 -25.18
C GLY C 52 15.57 6.49 -24.14
N TYR C 53 15.66 5.28 -23.59
CA TYR C 53 14.84 4.86 -22.46
C TYR C 53 15.77 4.58 -21.25
N PRO C 54 15.89 5.55 -20.34
CA PRO C 54 16.83 5.51 -19.20
C PRO C 54 16.43 4.48 -18.15
N ALA C 55 17.36 4.11 -17.28
CA ALA C 55 17.00 3.31 -16.11
C ALA C 55 16.30 4.19 -15.07
N LEU C 56 15.58 3.54 -14.16
CA LEU C 56 14.92 4.20 -13.04
C LEU C 56 15.54 3.81 -11.70
N PRO C 57 15.36 4.68 -10.69
CA PRO C 57 15.83 4.44 -9.31
C PRO C 57 15.28 3.15 -8.67
N GLY C 58 16.15 2.40 -7.99
CA GLY C 58 15.73 1.17 -7.34
C GLY C 58 16.25 -0.04 -8.06
N GLY C 59 16.60 0.12 -9.34
CA GLY C 59 17.06 -0.97 -10.15
C GLY C 59 18.57 -1.02 -10.29
N PRO C 60 19.05 -2.01 -11.06
CA PRO C 60 20.46 -2.24 -11.28
C PRO C 60 21.06 -1.33 -12.33
N GLY C 61 20.27 -0.44 -12.90
CA GLY C 61 20.76 0.40 -13.98
C GLY C 61 20.71 -0.38 -15.27
N LEU C 62 20.94 0.30 -16.39
CA LEU C 62 20.94 -0.36 -17.69
C LEU C 62 22.17 -1.26 -17.87
N PRO C 63 22.06 -2.22 -18.81
CA PRO C 63 23.18 -3.10 -19.23
C PRO C 63 24.33 -2.29 -19.82
N PRO C 64 25.58 -2.66 -19.49
CA PRO C 64 26.74 -2.04 -20.12
C PRO C 64 26.82 -2.35 -21.61
N ALA C 66 26.75 -1.71 -25.15
CA ALA C 66 25.89 -1.72 -26.34
C ALA C 66 24.49 -2.26 -26.02
N LEU C 67 23.48 -1.41 -26.17
CA LEU C 67 22.12 -1.78 -25.78
C LEU C 67 21.54 -2.82 -26.73
N PRO C 68 21.16 -3.99 -26.20
CA PRO C 68 20.60 -5.06 -27.03
C PRO C 68 19.20 -4.66 -27.46
N GLY C 69 18.97 -4.53 -28.75
CA GLY C 69 17.73 -3.94 -29.23
C GLY C 69 16.98 -4.79 -30.21
N PRO C 70 15.95 -4.22 -30.83
CA PRO C 70 15.11 -4.90 -31.82
C PRO C 70 15.90 -5.56 -32.95
N GLU C 71 16.84 -4.83 -33.57
CA GLU C 71 17.54 -5.44 -34.69
C GLU C 71 18.37 -6.64 -34.25
N ASP C 72 18.98 -6.53 -33.08
CA ASP C 72 19.73 -7.64 -32.53
C ASP C 72 18.85 -8.87 -32.29
N TYR C 73 17.67 -8.65 -31.74
CA TYR C 73 16.85 -9.79 -31.42
C TYR C 73 16.21 -10.39 -32.67
N ARG C 74 15.95 -9.57 -33.69
CA ARG C 74 15.41 -10.10 -34.92
C ARG C 74 16.37 -11.13 -35.56
N ARG C 75 17.68 -10.93 -35.42
CA ARG C 75 18.63 -11.93 -35.90
C ARG C 75 18.47 -13.20 -35.09
N LEU C 76 18.33 -13.06 -33.78
CA LEU C 76 18.14 -14.22 -32.92
C LEU C 76 16.92 -15.01 -33.36
N MET C 77 15.84 -14.31 -33.69
CA MET C 77 14.62 -15.00 -34.11
C MET C 77 14.83 -15.77 -35.40
N GLN C 78 15.57 -15.15 -36.32
CA GLN C 78 15.87 -15.75 -37.60
C GLN C 78 16.73 -17.00 -37.41
N TRP C 79 17.73 -16.88 -36.55
CA TRP C 79 18.68 -17.94 -36.29
C TRP C 79 17.96 -19.17 -35.72
N LEU C 80 17.15 -18.96 -34.67
CA LEU C 80 16.53 -20.07 -33.97
C LEU C 80 15.21 -20.54 -34.55
N GLY C 81 14.58 -19.69 -35.37
CA GLY C 81 13.24 -19.98 -35.86
C GLY C 81 12.18 -19.64 -34.82
N ILE C 82 12.40 -18.55 -34.09
CA ILE C 82 11.38 -18.00 -33.19
C ILE C 82 10.40 -17.14 -33.95
N ASP C 83 9.11 -17.44 -33.80
CA ASP C 83 8.09 -16.71 -34.55
C ASP C 83 7.37 -15.66 -33.71
N ARG C 84 7.31 -15.90 -32.41
CA ARG C 84 6.60 -15.03 -31.46
C ARG C 84 7.45 -14.81 -30.21
N VAL C 85 7.33 -13.63 -29.63
CA VAL C 85 8.14 -13.25 -28.48
C VAL C 85 7.30 -12.58 -27.41
N ILE C 86 7.58 -12.94 -26.17
CA ILE C 86 7.07 -12.22 -25.03
C ILE C 86 8.20 -11.37 -24.49
N ILE C 87 8.01 -10.06 -24.49
CA ILE C 87 9.03 -9.13 -24.00
C ILE C 87 8.72 -8.70 -22.57
N THR C 88 9.61 -9.09 -21.65
CA THR C 88 9.38 -8.85 -20.24
C THR C 88 10.16 -7.62 -19.72
N GLN C 89 9.45 -6.80 -18.97
CA GLN C 89 10.04 -5.70 -18.24
C GLN C 89 11.33 -6.06 -17.54
N GLY C 90 12.38 -5.30 -17.79
CA GLY C 90 13.62 -5.55 -17.08
C GLY C 90 13.65 -4.83 -15.75
N ASN C 91 14.49 -5.30 -14.84
CA ASN C 91 14.66 -4.64 -13.56
C ASN C 91 15.13 -3.20 -13.69
N ALA C 92 15.92 -2.89 -14.72
CA ALA C 92 16.42 -1.52 -14.92
C ALA C 92 15.31 -0.46 -14.90
N HIS C 93 14.15 -0.80 -15.45
CA HIS C 93 13.09 0.17 -15.59
C HIS C 93 12.12 0.22 -14.44
N GLN C 94 12.36 -0.62 -13.45
CA GLN C 94 11.53 -0.65 -12.25
C GLN C 94 10.03 -0.68 -12.58
N ARG C 95 9.24 0.33 -12.20
CA ARG C 95 7.79 0.28 -12.42
C ARG C 95 7.34 1.13 -13.61
N ASP C 96 8.29 1.62 -14.40
CA ASP C 96 7.99 2.41 -15.61
C ASP C 96 7.98 1.49 -16.81
N ASN C 97 6.80 1.27 -17.38
CA ASN C 97 6.65 0.31 -18.47
C ASN C 97 6.92 0.85 -19.87
N GLY C 98 7.41 2.08 -19.98
CA GLY C 98 7.59 2.73 -21.26
C GLY C 98 8.47 1.99 -22.25
N ASN C 99 9.67 1.61 -21.83
CA ASN C 99 10.57 0.91 -22.74
C ASN C 99 9.95 -0.39 -23.25
N THR C 100 9.41 -1.20 -22.35
CA THR C 100 8.85 -2.50 -22.71
C THR C 100 7.72 -2.34 -23.73
N LEU C 101 6.84 -1.40 -23.48
CA LEU C 101 5.68 -1.22 -24.36
C LEU C 101 6.11 -0.67 -25.70
N ALA C 102 7.13 0.18 -25.68
CA ALA C 102 7.68 0.70 -26.91
C ALA C 102 8.38 -0.40 -27.72
N CYS C 103 9.07 -1.30 -27.03
CA CYS C 103 9.68 -2.42 -27.71
C CYS C 103 8.67 -3.32 -28.41
N VAL C 104 7.58 -3.63 -27.73
CA VAL C 104 6.52 -4.46 -28.29
C VAL C 104 5.93 -3.77 -29.51
N ALA C 105 5.72 -2.46 -29.43
CA ALA C 105 5.20 -1.70 -30.56
C ALA C 105 6.14 -1.79 -31.78
N GLU C 106 7.42 -1.62 -31.51
CA GLU C 106 8.43 -1.69 -32.56
C GLU C 106 8.52 -3.09 -33.18
N MET C 107 8.36 -4.14 -32.37
CA MET C 107 8.45 -5.50 -32.89
C MET C 107 7.19 -5.94 -33.65
N GLY C 108 6.06 -5.30 -33.41
CA GLY C 108 4.87 -5.56 -34.20
C GLY C 108 4.09 -6.78 -33.75
N GLU C 109 3.39 -7.40 -34.71
CA GLU C 109 2.42 -8.46 -34.45
C GLU C 109 2.99 -9.61 -33.65
N ALA C 110 4.28 -9.86 -33.82
CA ALA C 110 4.89 -11.05 -33.23
C ALA C 110 5.14 -10.93 -31.72
N ALA C 111 4.98 -9.74 -31.16
CA ALA C 111 5.36 -9.47 -29.77
C ALA C 111 4.20 -9.17 -28.82
N HIS C 112 4.35 -9.61 -27.57
CA HIS C 112 3.51 -9.16 -26.47
C HIS C 112 4.35 -8.79 -25.28
N ALA C 113 3.74 -8.14 -24.29
CA ALA C 113 4.49 -7.58 -23.15
C ALA C 113 4.10 -8.24 -21.83
N VAL C 114 5.09 -8.42 -20.95
CA VAL C 114 4.86 -8.64 -19.52
C VAL C 114 5.37 -7.40 -18.79
N VAL C 115 4.52 -6.78 -17.98
CA VAL C 115 4.80 -5.44 -17.44
C VAL C 115 4.72 -5.44 -15.92
N ILE C 116 4.86 -4.27 -15.34
CA ILE C 116 4.65 -4.09 -13.92
C ILE C 116 3.29 -3.48 -13.66
N ILE C 117 2.55 -4.13 -12.78
CA ILE C 117 1.35 -3.54 -12.18
C ILE C 117 1.46 -3.67 -10.66
N ASP C 118 0.62 -2.94 -9.94
CA ASP C 118 0.58 -2.98 -8.49
C ASP C 118 -0.79 -2.50 -8.01
N ALA C 119 -0.93 -2.28 -6.72
CA ALA C 119 -2.22 -1.95 -6.12
C ALA C 119 -2.81 -0.65 -6.64
N THR C 120 -1.99 0.17 -7.30
CA THR C 120 -2.45 1.44 -7.81
C THR C 120 -2.94 1.33 -9.25
N THR C 121 -2.79 0.15 -9.85
CA THR C 121 -3.22 -0.04 -11.24
C THR C 121 -4.72 -0.24 -11.23
N THR C 122 -5.41 0.61 -11.97
CA THR C 122 -6.87 0.53 -12.09
C THR C 122 -7.33 -0.35 -13.24
N GLU C 123 -8.63 -0.63 -13.24
CA GLU C 123 -9.25 -1.42 -14.29
C GLU C 123 -8.98 -0.78 -15.65
N LYS C 124 -9.19 0.54 -15.71
CA LYS C 124 -8.89 1.31 -16.90
C LYS C 124 -7.44 1.17 -17.35
N ASP C 125 -6.49 1.22 -16.41
CA ASP C 125 -5.08 1.04 -16.73
C ASP C 125 -4.86 -0.36 -17.31
N MET C 126 -5.56 -1.35 -16.75
CA MET C 126 -5.37 -2.72 -17.22
C MET C 126 -5.88 -2.86 -18.66
N GLU C 127 -7.02 -2.21 -18.98
CA GLU C 127 -7.54 -2.30 -20.32
C GLU C 127 -6.58 -1.59 -21.28
N LYS C 128 -5.95 -0.50 -20.83
CA LYS C 128 -4.98 0.22 -21.65
C LYS C 128 -3.79 -0.68 -21.95
N LEU C 129 -3.32 -1.37 -20.93
CA LEU C 129 -2.19 -2.26 -21.09
C LEU C 129 -2.53 -3.41 -22.01
N THR C 130 -3.71 -3.99 -21.83
CA THR C 130 -4.18 -5.08 -22.67
C THR C 130 -4.21 -4.66 -24.14
N ALA C 131 -4.78 -3.49 -24.40
CA ALA C 131 -4.90 -3.01 -25.76
C ALA C 131 -3.51 -2.85 -26.38
N ALA C 132 -2.54 -2.52 -25.53
CA ALA C 132 -1.18 -2.28 -25.99
C ALA C 132 -0.36 -3.56 -26.10
N GLY C 133 -0.99 -4.72 -25.98
CA GLY C 133 -0.30 -5.97 -26.18
C GLY C 133 0.20 -6.65 -24.90
N THR C 134 -0.28 -6.23 -23.73
CA THR C 134 0.20 -6.81 -22.46
C THR C 134 -0.56 -8.08 -22.14
N VAL C 135 0.18 -9.13 -21.78
CA VAL C 135 -0.38 -10.44 -21.51
C VAL C 135 -0.12 -10.88 -20.05
N GLY C 136 0.66 -10.12 -19.31
CA GLY C 136 0.97 -10.52 -17.95
C GLY C 136 1.72 -9.45 -17.17
N ALA C 137 1.87 -9.74 -15.87
CA ALA C 137 2.63 -8.90 -14.97
C ALA C 137 3.74 -9.71 -14.31
N ARG C 138 4.73 -8.99 -13.79
CA ARG C 138 5.94 -9.58 -13.25
C ARG C 138 6.15 -9.36 -11.75
N ILE C 139 6.45 -10.46 -11.06
CA ILE C 139 6.91 -10.46 -9.67
C ILE C 139 8.37 -10.94 -9.67
N MET C 140 9.23 -10.15 -9.05
CA MET C 140 10.66 -10.47 -8.98
C MET C 140 11.11 -10.19 -7.56
N ASP C 141 11.28 -11.26 -6.80
CA ASP C 141 11.59 -11.19 -5.37
C ASP C 141 13.07 -11.10 -5.07
N LEU C 142 13.90 -11.33 -6.10
CA LEU C 142 15.35 -11.31 -5.96
C LEU C 142 15.86 -9.86 -6.09
N PRO C 143 17.11 -9.59 -5.67
CA PRO C 143 17.58 -8.20 -5.69
C PRO C 143 17.47 -7.52 -7.04
N GLY C 144 16.99 -6.28 -7.03
CA GLY C 144 16.80 -5.54 -8.26
C GLY C 144 15.37 -5.52 -8.73
N GLY C 145 14.55 -6.43 -8.21
CA GLY C 145 13.19 -6.57 -8.68
C GLY C 145 12.38 -5.38 -8.27
N ALA C 146 11.36 -5.06 -9.06
CA ALA C 146 10.51 -3.94 -8.78
C ALA C 146 9.43 -4.33 -7.78
N VAL C 147 8.81 -5.48 -7.97
CA VAL C 147 7.71 -5.87 -7.13
C VAL C 147 7.95 -7.25 -6.54
N ASN C 148 8.13 -7.32 -5.23
CA ASN C 148 8.46 -8.59 -4.57
C ASN C 148 7.22 -9.38 -4.15
N LEU C 149 7.43 -10.54 -3.51
CA LEU C 149 6.34 -11.43 -3.18
C LEU C 149 5.29 -10.83 -2.24
N SER C 150 5.64 -9.79 -1.49
CA SER C 150 4.65 -9.20 -0.59
C SER C 150 3.55 -8.47 -1.33
N GLU C 151 3.79 -8.15 -2.60
CA GLU C 151 2.74 -7.51 -3.41
C GLU C 151 2.05 -8.49 -4.37
N LEU C 152 2.31 -9.78 -4.21
CA LEU C 152 1.77 -10.78 -5.10
C LEU C 152 0.24 -10.78 -5.12
N ASP C 153 -0.40 -10.63 -3.97
CA ASP C 153 -1.85 -10.71 -3.95
C ASP C 153 -2.50 -9.57 -4.74
N ALA C 154 -2.01 -8.35 -4.58
CA ALA C 154 -2.55 -7.22 -5.35
C ALA C 154 -2.38 -7.47 -6.86
N VAL C 155 -1.21 -7.98 -7.24
CA VAL C 155 -0.92 -8.22 -8.66
C VAL C 155 -1.81 -9.36 -9.20
N ASP C 156 -1.91 -10.43 -8.42
CA ASP C 156 -2.76 -11.58 -8.74
C ASP C 156 -4.22 -11.17 -8.94
N GLU C 157 -4.74 -10.38 -8.01
CA GLU C 157 -6.16 -9.97 -8.10
C GLU C 157 -6.41 -9.24 -9.41
N ARG C 158 -5.53 -8.32 -9.78
CA ARG C 158 -5.73 -7.59 -11.04
C ARG C 158 -5.48 -8.45 -12.27
N ALA C 159 -4.40 -9.24 -12.24
CA ALA C 159 -4.11 -10.12 -13.36
C ALA C 159 -5.25 -11.08 -13.60
N HIS C 160 -5.78 -11.67 -12.54
CA HIS C 160 -6.84 -12.65 -12.68
C HIS C 160 -8.09 -12.03 -13.30
N ALA C 161 -8.43 -10.84 -12.84
CA ALA C 161 -9.62 -10.15 -13.40
C ALA C 161 -9.46 -9.84 -14.89
N ALA C 162 -8.24 -9.58 -15.32
CA ALA C 162 -7.91 -9.32 -16.73
C ALA C 162 -7.65 -10.60 -17.53
N ASP C 163 -7.68 -11.76 -16.86
CA ASP C 163 -7.42 -13.03 -17.52
C ASP C 163 -5.99 -13.06 -18.06
N TRP C 164 -5.08 -12.37 -17.35
CA TRP C 164 -3.65 -12.33 -17.65
C TRP C 164 -2.92 -13.43 -16.92
N MET C 165 -1.63 -13.56 -17.20
CA MET C 165 -0.78 -14.43 -16.37
C MET C 165 0.17 -13.58 -15.52
N VAL C 166 0.87 -14.22 -14.58
CA VAL C 166 1.88 -13.57 -13.76
C VAL C 166 3.17 -14.40 -13.83
N ALA C 167 4.30 -13.74 -14.05
CA ALA C 167 5.58 -14.42 -14.00
C ALA C 167 6.12 -14.18 -12.61
N VAL C 168 6.55 -15.26 -11.97
CA VAL C 168 6.94 -15.22 -10.57
C VAL C 168 8.35 -15.78 -10.44
N GLN C 169 9.27 -14.95 -9.94
CA GLN C 169 10.67 -15.30 -9.82
C GLN C 169 11.18 -15.04 -8.40
N PHE C 170 11.73 -16.08 -7.79
CA PHE C 170 12.22 -15.98 -6.43
C PHE C 170 13.29 -17.09 -6.24
N ASP C 171 14.00 -17.03 -5.12
CA ASP C 171 14.98 -18.06 -4.77
C ASP C 171 14.21 -19.33 -4.44
N GLY C 172 14.24 -20.27 -5.35
CA GLY C 172 13.40 -21.46 -5.25
C GLY C 172 13.61 -22.30 -4.00
N ASN C 173 14.79 -22.23 -3.40
CA ASN C 173 14.97 -23.00 -2.19
C ASN C 173 14.13 -22.49 -1.03
N GLY C 174 13.42 -21.38 -1.21
CA GLY C 174 12.43 -20.91 -0.25
C GLY C 174 11.02 -21.37 -0.58
N LEU C 175 10.91 -22.31 -1.52
CA LEU C 175 9.58 -22.74 -1.99
C LEU C 175 8.66 -23.15 -0.85
N LEU C 176 9.13 -23.98 0.08
CA LEU C 176 8.23 -24.48 1.09
C LEU C 176 7.78 -23.37 2.06
N ASP C 177 8.67 -22.40 2.32
CA ASP C 177 8.31 -21.22 3.11
C ASP C 177 7.23 -20.36 2.45
N HIS C 178 7.24 -20.34 1.12
CA HIS C 178 6.31 -19.49 0.35
C HIS C 178 5.06 -20.25 -0.10
N LEU C 179 4.99 -21.54 0.23
CA LEU C 179 3.97 -22.40 -0.34
C LEU C 179 2.55 -21.85 -0.11
N PRO C 180 2.23 -21.41 1.12
CA PRO C 180 0.87 -20.90 1.31
C PRO C 180 0.51 -19.75 0.37
N ARG C 181 1.46 -18.86 0.12
CA ARG C 181 1.22 -17.72 -0.76
C ARG C 181 1.06 -18.16 -2.22
N LEU C 182 1.86 -19.13 -2.64
CA LEU C 182 1.81 -19.64 -4.02
C LEU C 182 0.56 -20.47 -4.28
N GLN C 183 0.13 -21.24 -3.29
N GLN C 183 0.13 -21.26 -3.31
CA GLN C 183 -0.99 -22.16 -3.43
CA GLN C 183 -1.00 -22.15 -3.52
C GLN C 183 -2.30 -21.41 -3.69
C GLN C 183 -2.27 -21.36 -3.81
N LYS C 184 -2.39 -20.17 -3.21
CA LYS C 184 -3.61 -19.36 -3.36
C LYS C 184 -3.59 -18.40 -4.55
N ILE C 185 -2.57 -18.44 -5.38
CA ILE C 185 -2.59 -17.64 -6.60
C ILE C 185 -3.73 -18.10 -7.48
N ARG C 186 -4.56 -17.16 -7.90
CA ARG C 186 -5.73 -17.46 -8.71
C ARG C 186 -5.39 -17.43 -10.21
N SER C 187 -4.51 -16.53 -10.59
CA SER C 187 -4.16 -16.36 -11.99
C SER C 187 -3.37 -17.55 -12.52
N ARG C 188 -3.34 -17.68 -13.84
CA ARG C 188 -2.30 -18.47 -14.49
C ARG C 188 -0.97 -17.86 -14.11
N TRP C 189 0.01 -18.69 -13.79
CA TRP C 189 1.34 -18.16 -13.52
C TRP C 189 2.44 -19.09 -13.92
N VAL C 190 3.64 -18.52 -14.07
CA VAL C 190 4.80 -19.28 -14.46
C VAL C 190 5.90 -19.07 -13.41
N PHE C 191 6.53 -20.18 -13.02
CA PHE C 191 7.68 -20.21 -12.10
C PHE C 191 8.92 -20.03 -12.98
N ASP C 192 9.57 -18.87 -12.84
CA ASP C 192 10.69 -18.48 -13.71
C ASP C 192 12.00 -19.32 -13.56
N HIS C 193 12.67 -19.50 -14.70
CA HIS C 193 14.11 -19.81 -14.77
C HIS C 193 14.46 -21.08 -14.01
N HIS C 194 13.78 -22.15 -14.38
CA HIS C 194 13.94 -23.47 -13.70
C HIS C 194 13.77 -23.43 -12.18
N GLY C 195 13.07 -22.43 -11.68
CA GLY C 195 12.83 -22.32 -10.25
C GLY C 195 13.87 -21.53 -9.49
N LYS C 196 14.98 -21.18 -10.14
CA LYS C 196 16.15 -20.67 -9.44
C LYS C 196 16.44 -21.33 -8.11
N PHE C 197 16.61 -22.66 -8.16
CA PHE C 197 16.94 -23.43 -6.98
C PHE C 197 18.46 -23.39 -6.87
N PHE C 198 18.99 -22.31 -6.30
CA PHE C 198 20.43 -22.08 -6.30
C PHE C 198 21.23 -23.19 -5.64
N LYS C 199 20.63 -23.92 -4.68
CA LYS C 199 21.32 -25.02 -4.00
C LYS C 199 21.03 -26.39 -4.64
N GLY C 200 20.17 -26.39 -5.66
CA GLY C 200 19.63 -27.63 -6.20
C GLY C 200 18.43 -28.13 -5.40
N ILE C 201 17.69 -29.06 -5.99
CA ILE C 201 16.69 -29.84 -5.24
C ILE C 201 16.79 -31.31 -5.63
N ARG C 202 16.41 -32.19 -4.70
CA ARG C 202 16.30 -33.60 -4.98
C ARG C 202 15.18 -33.86 -5.97
N THR C 203 15.32 -34.95 -6.72
CA THR C 203 14.29 -35.30 -7.69
C THR C 203 13.04 -35.88 -7.00
N ASP C 204 13.17 -36.34 -5.76
CA ASP C 204 12.02 -36.93 -5.09
C ASP C 204 11.88 -36.44 -3.66
N GLY C 205 12.35 -35.22 -3.41
CA GLY C 205 12.31 -34.68 -2.06
C GLY C 205 11.08 -33.80 -1.85
N PRO C 206 11.06 -33.04 -0.75
CA PRO C 206 9.87 -32.29 -0.37
C PRO C 206 9.58 -31.11 -1.29
N GLU C 207 10.62 -30.48 -1.83
CA GLU C 207 10.43 -29.39 -2.78
C GLU C 207 9.76 -29.91 -4.04
N MET C 208 10.24 -31.04 -4.55
CA MET C 208 9.65 -31.57 -5.77
C MET C 208 8.21 -31.95 -5.52
N ALA C 209 7.95 -32.58 -4.37
CA ALA C 209 6.59 -33.01 -4.07
C ALA C 209 5.64 -31.82 -4.04
N ALA C 210 6.06 -30.73 -3.41
CA ALA C 210 5.23 -29.54 -3.33
C ALA C 210 5.02 -28.90 -4.72
N LEU C 211 6.10 -28.82 -5.50
CA LEU C 211 6.01 -28.22 -6.81
C LEU C 211 5.06 -29.03 -7.68
N LEU C 212 5.15 -30.35 -7.65
CA LEU C 212 4.30 -31.12 -8.55
C LEU C 212 2.85 -31.04 -8.10
N LYS C 213 2.61 -30.96 -6.80
CA LYS C 213 1.25 -30.77 -6.29
C LYS C 213 0.67 -29.42 -6.75
N LEU C 214 1.49 -28.37 -6.75
CA LEU C 214 1.08 -27.07 -7.30
C LEU C 214 0.71 -27.20 -8.76
N ILE C 215 1.56 -27.88 -9.52
CA ILE C 215 1.32 -28.04 -10.94
C ILE C 215 0.03 -28.80 -11.19
N ASP C 216 -0.28 -29.78 -10.35
CA ASP C 216 -1.52 -30.55 -10.49
C ASP C 216 -2.78 -29.69 -10.32
N ARG C 217 -2.66 -28.54 -9.67
CA ARG C 217 -3.81 -27.63 -9.50
C ARG C 217 -4.24 -26.97 -10.82
N GLY C 218 -3.33 -26.94 -11.78
CA GLY C 218 -3.67 -26.62 -13.15
C GLY C 218 -3.36 -25.23 -13.67
N ASN C 219 -2.97 -24.31 -12.80
CA ASN C 219 -2.70 -22.93 -13.22
C ASN C 219 -1.24 -22.52 -13.16
N LEU C 220 -0.33 -23.50 -13.04
CA LEU C 220 1.11 -23.23 -12.91
C LEU C 220 1.89 -23.87 -14.06
N TRP C 221 2.63 -23.01 -14.76
CA TRP C 221 3.59 -23.42 -15.77
C TRP C 221 5.02 -23.27 -15.21
N PHE C 222 5.96 -24.06 -15.74
CA PHE C 222 7.35 -24.07 -15.29
C PHE C 222 8.24 -23.72 -16.47
N LYS C 223 9.13 -22.75 -16.28
CA LYS C 223 9.93 -22.15 -17.36
C LYS C 223 11.35 -22.70 -17.52
N PHE C 224 11.65 -23.21 -18.71
CA PHE C 224 13.02 -23.60 -19.10
C PHE C 224 13.66 -22.38 -19.76
N ALA C 225 14.32 -21.56 -18.95
CA ALA C 225 15.10 -20.44 -19.45
C ALA C 225 16.17 -20.12 -18.40
N GLY C 226 17.28 -19.56 -18.87
CA GLY C 226 18.35 -19.11 -18.01
C GLY C 226 18.93 -20.14 -17.04
N VAL C 227 19.07 -21.38 -17.48
CA VAL C 227 19.59 -22.42 -16.60
C VAL C 227 20.93 -22.06 -15.98
N TYR C 228 21.74 -21.32 -16.73
CA TYR C 228 23.10 -20.93 -16.26
C TYR C 228 23.10 -19.97 -15.08
N GLU C 229 21.96 -19.32 -14.80
CA GLU C 229 21.84 -18.46 -13.61
C GLU C 229 21.68 -19.22 -12.29
N SER C 230 21.37 -20.52 -12.33
CA SER C 230 21.20 -21.29 -11.08
C SER C 230 22.02 -22.58 -11.01
N SER C 231 22.44 -23.11 -12.15
CA SER C 231 23.27 -24.32 -12.12
C SER C 231 24.61 -24.06 -11.45
N ARG C 232 25.04 -25.07 -10.74
CA ARG C 232 26.34 -25.07 -10.07
C ARG C 232 27.34 -25.92 -10.82
N LYS C 233 26.93 -26.39 -12.00
CA LYS C 233 27.73 -27.27 -12.84
C LYS C 233 28.11 -26.51 -14.10
N SER C 234 29.15 -26.98 -14.79
CA SER C 234 29.42 -26.51 -16.15
C SER C 234 28.42 -27.14 -17.11
N TRP C 235 28.41 -26.67 -18.35
CA TRP C 235 27.63 -27.31 -19.41
C TRP C 235 27.89 -28.81 -19.39
N PRO C 236 26.86 -29.67 -19.48
CA PRO C 236 25.43 -29.40 -19.80
C PRO C 236 24.47 -29.25 -18.59
N TYR C 237 24.95 -28.70 -17.48
CA TYR C 237 24.09 -28.30 -16.36
C TYR C 237 23.30 -29.48 -15.80
N ALA C 238 23.98 -30.57 -15.52
CA ALA C 238 23.32 -31.79 -15.12
C ALA C 238 22.51 -31.72 -13.84
N ASP C 239 22.87 -30.80 -12.93
CA ASP C 239 22.11 -30.68 -11.70
C ASP C 239 20.69 -30.19 -11.93
N VAL C 240 20.56 -29.18 -12.76
CA VAL C 240 19.25 -28.62 -13.06
C VAL C 240 18.53 -29.53 -14.04
N ALA C 241 19.30 -30.15 -14.92
CA ALA C 241 18.71 -31.09 -15.87
C ALA C 241 17.96 -32.20 -15.15
N ALA C 242 18.56 -32.70 -14.08
CA ALA C 242 17.98 -33.84 -13.36
C ALA C 242 16.56 -33.56 -12.87
N PHE C 243 16.36 -32.45 -12.18
CA PHE C 243 15.01 -32.19 -11.68
C PHE C 243 14.10 -31.64 -12.78
N SER C 244 14.66 -30.97 -13.76
CA SER C 244 13.87 -30.45 -14.86
C SER C 244 13.24 -31.58 -15.67
N ARG C 245 13.97 -32.68 -15.87
CA ARG C 245 13.43 -33.81 -16.62
C ARG C 245 12.22 -34.39 -15.90
N VAL C 246 12.30 -34.45 -14.57
CA VAL C 246 11.23 -35.00 -13.75
C VAL C 246 9.97 -34.15 -13.86
N ILE C 247 10.14 -32.84 -13.76
CA ILE C 247 9.00 -31.94 -13.83
C ILE C 247 8.35 -32.03 -15.21
N ALA C 248 9.16 -32.03 -16.26
CA ALA C 248 8.63 -32.10 -17.63
C ALA C 248 7.95 -33.44 -17.89
N ALA C 249 8.46 -34.52 -17.30
CA ALA C 249 7.84 -35.82 -17.48
C ALA C 249 6.48 -35.90 -16.81
N HIS C 250 6.33 -35.20 -15.70
CA HIS C 250 5.11 -35.22 -14.92
C HIS C 250 4.05 -34.38 -15.62
N ALA C 251 4.45 -33.22 -16.12
CA ALA C 251 3.49 -32.28 -16.68
C ALA C 251 3.98 -31.68 -18.02
N PRO C 252 4.00 -32.49 -19.09
CA PRO C 252 4.50 -31.99 -20.38
C PRO C 252 3.67 -30.83 -20.94
N GLU C 253 2.42 -30.72 -20.53
CA GLU C 253 1.57 -29.59 -20.95
C GLU C 253 1.73 -28.34 -20.07
N ARG C 254 2.76 -28.31 -19.22
CA ARG C 254 2.99 -27.13 -18.39
C ARG C 254 4.40 -26.56 -18.44
N ILE C 255 5.19 -26.98 -19.44
CA ILE C 255 6.55 -26.45 -19.64
C ILE C 255 6.52 -25.36 -20.72
N VAL C 256 7.20 -24.25 -20.47
CA VAL C 256 7.46 -23.28 -21.54
C VAL C 256 8.94 -23.03 -21.59
N TRP C 257 9.36 -22.40 -22.68
CA TRP C 257 10.76 -22.23 -22.97
C TRP C 257 11.09 -20.77 -23.25
N GLY C 258 12.32 -20.36 -22.95
CA GLY C 258 12.79 -19.06 -23.40
C GLY C 258 14.30 -19.02 -23.49
N THR C 259 14.78 -17.95 -24.14
CA THR C 259 16.21 -17.71 -24.33
C THR C 259 16.90 -17.12 -23.09
N ASN C 260 16.21 -16.22 -22.39
CA ASN C 260 16.80 -15.31 -21.42
C ASN C 260 17.74 -14.30 -22.07
N TRP C 261 17.63 -14.15 -23.39
CA TRP C 261 18.39 -13.14 -24.12
C TRP C 261 18.01 -11.79 -23.50
N PRO C 262 18.97 -10.86 -23.37
CA PRO C 262 20.36 -10.88 -23.85
C PRO C 262 21.40 -11.43 -22.86
N HIS C 263 20.96 -12.21 -21.89
CA HIS C 263 21.89 -12.90 -20.98
C HIS C 263 22.73 -11.91 -20.15
N ASN C 264 22.04 -10.92 -19.58
CA ASN C 264 22.70 -9.85 -18.85
C ASN C 264 23.71 -10.31 -17.80
N SER C 265 23.41 -11.40 -17.11
CA SER C 265 24.23 -11.82 -15.98
C SER C 265 25.55 -12.42 -16.42
N VAL C 266 25.65 -12.83 -17.67
CA VAL C 266 26.83 -13.53 -18.16
C VAL C 266 27.42 -12.86 -19.41
N TYR C 272 28.63 -16.80 -21.45
CA TYR C 272 27.66 -16.32 -22.44
C TYR C 272 27.33 -17.40 -23.47
N PRO C 273 26.04 -17.75 -23.61
CA PRO C 273 25.70 -18.97 -24.34
C PRO C 273 25.40 -18.82 -25.82
N ASP C 274 25.53 -19.94 -26.52
CA ASP C 274 25.05 -20.06 -27.89
C ASP C 274 23.59 -20.43 -27.76
N ASP C 275 22.69 -19.54 -28.17
CA ASP C 275 21.26 -19.72 -27.87
C ASP C 275 20.68 -20.92 -28.60
N ALA C 276 21.21 -21.24 -29.79
CA ALA C 276 20.71 -22.40 -30.50
C ALA C 276 21.10 -23.70 -29.77
N ARG C 277 22.36 -23.82 -29.34
CA ARG C 277 22.80 -25.01 -28.63
C ARG C 277 22.11 -25.12 -27.28
N LEU C 278 21.91 -23.98 -26.60
CA LEU C 278 21.22 -24.00 -25.32
C LEU C 278 19.76 -24.44 -25.46
N ALA C 279 19.08 -23.98 -26.52
CA ALA C 279 17.71 -24.45 -26.73
C ALA C 279 17.67 -25.96 -26.98
N GLU C 280 18.58 -26.47 -27.81
CA GLU C 280 18.59 -27.91 -28.10
C GLU C 280 18.75 -28.66 -26.81
N LEU C 281 19.65 -28.16 -25.96
CA LEU C 281 19.98 -28.84 -24.71
C LEU C 281 18.76 -28.92 -23.79
N THR C 282 18.15 -27.78 -23.47
CA THR C 282 17.06 -27.79 -22.52
C THR C 282 15.78 -28.42 -23.08
N LEU C 283 15.49 -28.24 -24.37
CA LEU C 283 14.33 -28.91 -24.95
C LEU C 283 14.58 -30.43 -24.98
N GLY C 284 15.86 -30.81 -24.98
CA GLY C 284 16.24 -32.21 -24.89
C GLY C 284 15.90 -32.87 -23.57
N TRP C 285 15.60 -32.08 -22.54
CA TRP C 285 15.17 -32.58 -21.24
C TRP C 285 13.67 -32.91 -21.17
N LEU C 286 12.93 -32.57 -22.23
CA LEU C 286 11.52 -32.93 -22.30
C LEU C 286 11.38 -34.40 -22.66
N PRO C 287 10.22 -35.00 -22.36
CA PRO C 287 10.12 -36.46 -22.46
C PRO C 287 10.04 -37.01 -23.88
N ASP C 288 9.48 -36.24 -24.80
CA ASP C 288 9.35 -36.68 -26.19
C ASP C 288 9.05 -35.53 -27.15
N GLU C 289 8.98 -35.85 -28.42
CA GLU C 289 8.81 -34.83 -29.44
C GLU C 289 7.48 -34.10 -29.26
N ALA C 290 6.44 -34.80 -28.85
CA ALA C 290 5.16 -34.15 -28.63
C ALA C 290 5.31 -33.06 -27.56
N ALA C 291 6.05 -33.36 -26.50
CA ALA C 291 6.23 -32.42 -25.41
C ALA C 291 7.04 -31.22 -25.89
N ARG C 292 7.96 -31.48 -26.80
CA ARG C 292 8.75 -30.41 -27.36
C ARG C 292 7.87 -29.43 -28.14
N HIS C 293 6.96 -29.95 -28.95
CA HIS C 293 6.06 -29.09 -29.70
C HIS C 293 5.21 -28.28 -28.72
N ARG C 294 4.66 -28.94 -27.69
CA ARG C 294 3.84 -28.25 -26.69
C ARG C 294 4.64 -27.11 -26.04
N ALA C 295 5.90 -27.40 -25.72
CA ALA C 295 6.67 -26.41 -24.97
C ALA C 295 6.90 -25.14 -25.77
N LEU C 296 7.01 -25.29 -27.10
CA LEU C 296 7.26 -24.16 -27.98
C LEU C 296 6.01 -23.46 -28.52
N VAL C 297 4.88 -24.19 -28.63
CA VAL C 297 3.68 -23.65 -29.28
C VAL C 297 2.47 -23.67 -28.37
N GLU C 298 1.90 -24.84 -28.12
CA GLU C 298 0.62 -24.95 -27.42
C GLU C 298 0.67 -24.46 -25.96
N ASN C 299 1.74 -24.80 -25.25
CA ASN C 299 1.84 -24.41 -23.85
C ASN C 299 1.94 -22.89 -23.68
N PRO C 300 2.83 -22.23 -24.43
CA PRO C 300 2.77 -20.77 -24.26
C PRO C 300 1.49 -20.14 -24.81
N GLU C 301 0.88 -20.74 -25.83
CA GLU C 301 -0.40 -20.19 -26.29
C GLU C 301 -1.42 -20.22 -25.14
N ALA C 302 -1.41 -21.29 -24.35
CA ALA C 302 -2.32 -21.39 -23.20
C ALA C 302 -1.91 -20.43 -22.08
N LEU C 303 -0.62 -20.32 -21.79
CA LEU C 303 -0.15 -19.50 -20.67
C LEU C 303 -0.47 -18.03 -20.91
N PHE C 304 -0.22 -17.57 -22.13
CA PHE C 304 -0.40 -16.15 -22.45
C PHE C 304 -1.73 -15.85 -23.18
N LYS C 305 -2.49 -16.89 -23.50
CA LYS C 305 -3.74 -16.78 -24.29
C LYS C 305 -3.51 -16.05 -25.61
N LEU C 306 -2.56 -16.58 -26.39
CA LEU C 306 -2.26 -16.08 -27.72
C LEU C 306 -3.14 -16.78 -28.73
N SER C 307 -3.37 -16.14 -29.88
CA SER C 307 -4.11 -16.77 -30.95
C SER C 307 -3.37 -18.04 -31.40
N PRO C 308 -4.09 -19.12 -31.71
CA PRO C 308 -3.44 -20.36 -32.14
C PRO C 308 -2.81 -20.26 -33.52
N VAL C 309 -1.65 -20.87 -33.68
CA VAL C 309 -0.93 -20.80 -34.95
C VAL C 309 -1.45 -21.83 -35.96
#